data_5IX2
#
_entry.id   5IX2
#
_cell.length_a   112.202
_cell.length_b   147.542
_cell.length_c   173.611
_cell.angle_alpha   90.00
_cell.angle_beta   90.00
_cell.angle_gamma   90.00
#
_symmetry.space_group_name_H-M   'I 2 2 2'
#
loop_
_entity.id
_entity.type
_entity.pdbx_description
1 polymer 'MORC family CW-type zinc finger protein 3'
2 polymer 'peptide from Histone H3.1'
3 non-polymer 'ZINC ION'
4 non-polymer 'PHOSPHOAMINOPHOSPHONIC ACID-ADENYLATE ESTER'
5 non-polymer 'MAGNESIUM ION'
#
loop_
_entity_poly.entity_id
_entity_poly.type
_entity_poly.pdbx_seq_one_letter_code
_entity_poly.pdbx_strand_id
1 'polypeptide(L)'
;STGIRLSALCPKFLHTNSTSHTWPFSAVAELIDNAYDPDVNAKQIWIDKTVISDHICLTFTDNGNGMTADKLHKMLSFGF
SDKVTMNGHVPVGLYGNGFKSGSMRLGKDAMVFTKNGETMSVGFLSQTYLEVIKAEHVVVPIVTFNKHRQMINLTESKAS
LAAILEHSLFSTEQKLLAELNAIMGKKGTRIIIWNLRSYKNATEFDFEKDKYDIRIPEDLDETAGRKGYKKQERMDQIAP
ESDYSLRAYCSILYLKPRMQIIIRGQKVKTQLVSKSLAYIERDVYRPKFLTRTVRITFGFNCRNKDHYGIMMYHKNRLIK
AYEKVGCQLKANNMGVGVVGIIECNFLKPTHNKQDFDYTNEYRLTILALGEKLNDYWNEMKVKKNAEYPVNLPVEDIQKR
PDQTWVQCDACLKWRKLPDGIDQLPEKWYCSNNPDPQFRNCEVPEEPEDED
;
A,B
2 'polypeptide(L)' ARTKQTARKSTGGKAPRKQLATKAARKSAPAT P,Q
#
loop_
_chem_comp.id
_chem_comp.type
_chem_comp.name
_chem_comp.formula
ANP non-polymer 'PHOSPHOAMINOPHOSPHONIC ACID-ADENYLATE ESTER' 'C10 H17 N6 O12 P3'
MG non-polymer 'MAGNESIUM ION' 'Mg 2'
ZN non-polymer 'ZINC ION' 'Zn 2'
#
# COMPACT_ATOMS: atom_id res chain seq x y z
N GLY A 3 24.00 1.82 -21.94
CA GLY A 3 23.47 0.51 -22.21
C GLY A 3 22.67 -0.02 -21.04
N ILE A 4 22.60 0.79 -19.99
CA ILE A 4 21.86 0.42 -18.81
C ILE A 4 20.39 0.31 -19.05
N ARG A 5 19.78 -0.73 -18.52
CA ARG A 5 18.37 -0.96 -18.67
C ARG A 5 17.50 -0.12 -17.77
N LEU A 6 16.24 -0.04 -18.13
CA LEU A 6 15.28 0.64 -17.32
C LEU A 6 14.49 -0.41 -16.64
N SER A 7 14.00 -0.09 -15.48
CA SER A 7 13.09 -0.97 -14.81
C SER A 7 11.85 -0.97 -15.64
N ALA A 8 11.11 -2.06 -15.59
CA ALA A 8 9.99 -2.28 -16.47
C ALA A 8 8.75 -2.46 -15.67
N LEU A 9 7.61 -2.24 -16.30
CA LEU A 9 6.31 -2.29 -15.66
C LEU A 9 5.56 -3.36 -16.32
N CYS A 10 4.91 -4.19 -15.53
CA CYS A 10 4.24 -5.33 -16.04
C CYS A 10 2.80 -5.00 -15.89
N PRO A 11 1.96 -5.40 -16.94
CA PRO A 11 0.56 -5.00 -16.74
C PRO A 11 0.02 -5.52 -15.45
N LYS A 12 0.54 -6.62 -14.98
CA LYS A 12 0.07 -7.20 -13.74
C LYS A 12 0.24 -6.27 -12.56
N PHE A 13 1.23 -5.41 -12.63
CA PHE A 13 1.52 -4.54 -11.53
C PHE A 13 0.35 -3.64 -11.27
N LEU A 14 -0.43 -3.38 -12.28
CA LEU A 14 -1.50 -2.41 -12.17
C LEU A 14 -2.47 -2.81 -11.11
N HIS A 15 -2.76 -4.09 -11.02
CA HIS A 15 -3.58 -4.62 -9.95
C HIS A 15 -2.92 -4.46 -8.62
N THR A 16 -1.65 -4.70 -8.59
CA THR A 16 -0.94 -4.81 -7.36
C THR A 16 -1.07 -3.49 -6.69
N ASN A 17 -0.92 -2.43 -7.45
CA ASN A 17 -0.86 -1.13 -6.90
C ASN A 17 -2.13 -0.76 -6.22
N SER A 18 -3.21 -1.42 -6.58
CA SER A 18 -4.50 -1.19 -5.97
C SER A 18 -4.65 -1.67 -4.57
N THR A 19 -3.82 -2.61 -4.18
CA THR A 19 -4.04 -3.46 -3.04
C THR A 19 -4.09 -2.79 -1.70
N SER A 20 -3.63 -1.56 -1.63
CA SER A 20 -3.62 -0.83 -0.39
C SER A 20 -4.94 -0.22 -0.05
N HIS A 21 -5.88 -0.23 -0.98
CA HIS A 21 -7.15 0.38 -0.72
C HIS A 21 -8.08 -0.69 -0.32
N THR A 22 -8.44 -0.72 0.94
CA THR A 22 -9.31 -1.76 1.42
C THR A 22 -10.70 -1.27 1.65
N TRP A 23 -10.85 0.03 1.60
CA TRP A 23 -12.13 0.66 1.66
C TRP A 23 -12.20 1.43 0.36
N PRO A 24 -13.28 1.13 -0.48
CA PRO A 24 -13.20 1.76 -1.80
C PRO A 24 -13.15 3.28 -1.78
N PHE A 25 -13.78 3.92 -0.81
CA PHE A 25 -13.87 5.34 -0.81
C PHE A 25 -12.52 5.94 -0.76
N SER A 26 -11.55 5.20 -0.31
CA SER A 26 -10.18 5.69 -0.29
C SER A 26 -9.69 5.93 -1.68
N ALA A 27 -10.07 5.06 -2.58
CA ALA A 27 -9.71 5.17 -3.97
C ALA A 27 -10.36 6.37 -4.64
N VAL A 28 -11.63 6.55 -4.34
CA VAL A 28 -12.38 7.64 -4.85
C VAL A 28 -11.77 8.91 -4.37
N ALA A 29 -11.41 8.94 -3.11
CA ALA A 29 -10.95 10.16 -2.51
C ALA A 29 -9.71 10.57 -3.19
N GLU A 30 -8.96 9.62 -3.65
CA GLU A 30 -7.73 9.88 -4.33
C GLU A 30 -8.06 10.66 -5.57
N LEU A 31 -9.11 10.24 -6.26
CA LEU A 31 -9.54 10.90 -7.47
C LEU A 31 -9.99 12.30 -7.23
N ILE A 32 -10.75 12.52 -6.19
CA ILE A 32 -11.25 13.85 -5.90
C ILE A 32 -10.10 14.76 -5.65
N ASP A 33 -9.08 14.25 -5.01
CA ASP A 33 -7.96 15.04 -4.62
C ASP A 33 -7.26 15.60 -5.81
N ASN A 34 -7.16 14.80 -6.85
CA ASN A 34 -6.42 15.21 -8.00
C ASN A 34 -7.10 16.42 -8.60
N ALA A 35 -8.42 16.41 -8.59
CA ALA A 35 -9.24 17.53 -9.01
C ALA A 35 -9.13 18.76 -8.13
N TYR A 36 -9.11 18.56 -6.83
CA TYR A 36 -9.03 19.64 -5.87
C TYR A 36 -7.71 20.36 -5.95
N ASP A 37 -6.69 19.66 -6.37
CA ASP A 37 -5.35 20.18 -6.25
C ASP A 37 -5.14 21.44 -7.06
N PRO A 38 -4.24 22.33 -6.47
CA PRO A 38 -4.18 23.63 -7.13
C PRO A 38 -3.70 23.61 -8.55
N ASP A 39 -2.95 22.62 -8.99
CA ASP A 39 -2.58 22.58 -10.39
C ASP A 39 -3.81 22.39 -11.27
N VAL A 40 -4.70 21.48 -10.90
CA VAL A 40 -5.99 21.36 -11.57
C VAL A 40 -6.96 22.51 -11.26
N ASN A 41 -7.05 22.82 -10.00
CA ASN A 41 -7.83 23.94 -9.55
C ASN A 41 -9.29 23.97 -9.95
N ALA A 42 -9.93 22.82 -10.04
CA ALA A 42 -11.32 22.77 -10.42
C ALA A 42 -12.14 23.33 -9.32
N LYS A 43 -13.32 23.85 -9.64
CA LYS A 43 -14.23 24.33 -8.64
C LYS A 43 -15.39 23.41 -8.45
N GLN A 44 -15.57 22.49 -9.38
CA GLN A 44 -16.61 21.51 -9.22
C GLN A 44 -16.12 20.19 -9.72
N ILE A 45 -16.55 19.12 -9.07
CA ILE A 45 -16.32 17.79 -9.57
C ILE A 45 -17.60 17.02 -9.52
N TRP A 46 -17.91 16.31 -10.58
CA TRP A 46 -19.14 15.56 -10.63
C TRP A 46 -18.79 14.13 -10.65
N ILE A 47 -19.35 13.37 -9.73
CA ILE A 47 -19.09 11.95 -9.65
C ILE A 47 -20.38 11.30 -9.98
N ASP A 48 -20.38 10.36 -10.90
CA ASP A 48 -21.62 9.85 -11.41
C ASP A 48 -21.59 8.39 -11.72
N LYS A 49 -22.74 7.78 -11.73
CA LYS A 49 -22.87 6.41 -12.20
C LYS A 49 -23.68 6.39 -13.47
N THR A 50 -23.22 5.70 -14.48
CA THR A 50 -23.89 5.67 -15.75
C THR A 50 -23.67 4.37 -16.43
N VAL A 51 -24.33 4.14 -17.54
CA VAL A 51 -24.11 2.95 -18.32
C VAL A 51 -23.63 3.32 -19.67
N ILE A 52 -22.59 2.65 -20.15
CA ILE A 52 -22.16 2.85 -21.50
C ILE A 52 -21.90 1.51 -22.12
N SER A 53 -22.40 1.29 -23.32
CA SER A 53 -22.07 0.10 -24.06
C SER A 53 -22.38 -1.11 -23.23
N ASP A 54 -23.42 -1.03 -22.43
CA ASP A 54 -23.84 -2.14 -21.61
C ASP A 54 -22.95 -2.33 -20.40
N HIS A 55 -22.14 -1.34 -20.10
CA HIS A 55 -21.24 -1.43 -18.97
C HIS A 55 -21.51 -0.34 -17.98
N ILE A 56 -21.68 -0.67 -16.72
CA ILE A 56 -21.81 0.33 -15.69
C ILE A 56 -20.52 1.04 -15.50
N CYS A 57 -20.59 2.33 -15.27
CA CYS A 57 -19.43 3.17 -15.29
C CYS A 57 -19.45 4.12 -14.14
N LEU A 58 -18.27 4.59 -13.78
CA LEU A 58 -18.15 5.63 -12.82
C LEU A 58 -17.43 6.72 -13.50
N THR A 59 -17.91 7.94 -13.33
CA THR A 59 -17.32 9.04 -14.03
C THR A 59 -16.93 10.13 -13.09
N PHE A 60 -15.74 10.66 -13.26
CA PHE A 60 -15.32 11.79 -12.47
C PHE A 60 -15.02 12.88 -13.44
N THR A 61 -15.74 13.99 -13.34
CA THR A 61 -15.64 15.08 -14.31
C THR A 61 -15.41 16.39 -13.61
N ASP A 62 -14.45 17.18 -14.05
CA ASP A 62 -14.16 18.44 -13.38
C ASP A 62 -13.89 19.61 -14.29
N ASN A 63 -14.28 20.79 -13.85
CA ASN A 63 -14.03 22.00 -14.60
C ASN A 63 -12.70 22.63 -14.30
N GLY A 64 -11.63 21.97 -14.69
CA GLY A 64 -10.31 22.36 -14.28
C GLY A 64 -9.42 22.56 -15.45
N ASN A 65 -8.17 22.90 -15.20
CA ASN A 65 -7.24 23.22 -16.26
C ASN A 65 -6.94 22.13 -17.25
N GLY A 66 -6.99 20.87 -16.83
CA GLY A 66 -6.80 19.79 -17.78
C GLY A 66 -5.34 19.58 -18.07
N MET A 67 -5.01 18.77 -19.06
CA MET A 67 -3.62 18.42 -19.26
C MET A 67 -3.13 18.59 -20.66
N THR A 68 -1.85 18.85 -20.78
CA THR A 68 -1.19 18.82 -22.04
C THR A 68 -1.13 17.35 -22.28
N ALA A 69 -0.84 16.96 -23.49
CA ALA A 69 -0.75 15.57 -23.82
C ALA A 69 0.37 14.92 -23.04
N ASP A 70 1.46 15.63 -22.88
CA ASP A 70 2.58 15.11 -22.14
C ASP A 70 2.18 14.89 -20.69
N LYS A 71 1.43 15.83 -20.13
CA LYS A 71 1.05 15.76 -18.75
C LYS A 71 0.20 14.53 -18.55
N LEU A 72 -0.58 14.20 -19.54
CA LEU A 72 -1.39 13.02 -19.46
C LEU A 72 -0.54 11.81 -19.37
N HIS A 73 0.58 11.81 -20.07
CA HIS A 73 1.42 10.63 -20.05
C HIS A 73 1.90 10.38 -18.67
N LYS A 74 2.34 11.41 -18.01
CA LYS A 74 2.79 11.29 -16.66
C LYS A 74 1.66 10.86 -15.78
N MET A 75 0.48 11.37 -16.03
CA MET A 75 -0.65 11.01 -15.21
C MET A 75 -0.82 9.53 -15.33
N LEU A 76 -0.40 8.96 -16.44
CA LEU A 76 -0.53 7.53 -16.65
C LEU A 76 0.79 6.84 -16.41
N SER A 77 1.70 7.52 -15.76
CA SER A 77 2.98 6.95 -15.47
C SER A 77 3.14 6.99 -13.99
N PHE A 78 4.02 6.17 -13.43
CA PHE A 78 4.13 6.10 -11.99
C PHE A 78 5.23 6.94 -11.39
N GLY A 79 4.86 7.69 -10.38
CA GLY A 79 5.81 8.47 -9.63
C GLY A 79 6.09 9.88 -10.03
N PHE A 80 5.38 10.41 -11.00
CA PHE A 80 5.61 11.80 -11.37
C PHE A 80 4.62 12.72 -10.71
N SER A 81 5.13 13.66 -9.93
CA SER A 81 4.29 14.67 -9.36
C SER A 81 5.07 15.95 -9.28
N ASP A 82 4.48 17.06 -9.67
CA ASP A 82 5.13 18.37 -9.57
C ASP A 82 4.29 19.42 -8.94
N LYS A 83 3.33 19.03 -8.13
CA LYS A 83 2.41 19.97 -7.57
C LYS A 83 3.07 20.87 -6.55
N VAL A 84 2.66 22.13 -6.50
CA VAL A 84 3.23 23.11 -5.59
C VAL A 84 2.15 23.99 -5.07
N THR A 85 2.36 24.59 -3.92
CA THR A 85 1.35 25.44 -3.33
C THR A 85 1.17 26.68 -4.13
N MET A 86 -0.07 27.10 -4.32
CA MET A 86 -0.32 28.38 -4.92
C MET A 86 -1.23 29.23 -4.08
N ASN A 87 -0.75 30.38 -3.66
CA ASN A 87 -1.58 31.27 -2.91
C ASN A 87 -2.16 30.54 -1.73
N GLY A 88 -1.34 29.75 -1.07
CA GLY A 88 -1.77 29.11 0.16
C GLY A 88 -2.67 27.93 -0.09
N HIS A 89 -2.78 27.53 -1.34
CA HIS A 89 -3.55 26.37 -1.66
C HIS A 89 -2.53 25.29 -1.78
N VAL A 90 -2.59 24.33 -0.87
CA VAL A 90 -1.53 23.37 -0.77
C VAL A 90 -1.93 22.06 -1.32
N PRO A 91 -1.06 21.58 -2.30
CA PRO A 91 -1.50 20.32 -2.88
C PRO A 91 -1.39 19.13 -1.97
N VAL A 92 -2.43 18.31 -1.96
CA VAL A 92 -2.40 17.01 -1.34
C VAL A 92 -1.47 16.07 -2.05
N GLY A 93 -1.39 16.18 -3.35
CA GLY A 93 -0.56 15.31 -4.12
C GLY A 93 0.92 15.43 -3.84
N LEU A 94 1.57 14.29 -3.79
CA LEU A 94 2.94 14.11 -3.39
C LEU A 94 3.57 12.97 -4.16
N TYR A 95 2.93 11.78 -4.07
CA TYR A 95 3.50 10.48 -4.42
C TYR A 95 3.50 10.07 -5.89
N GLY A 96 2.70 10.74 -6.70
CA GLY A 96 2.63 10.42 -8.11
C GLY A 96 2.00 9.07 -8.36
N ASN A 97 1.11 8.63 -7.48
CA ASN A 97 0.59 7.28 -7.63
C ASN A 97 -0.93 7.16 -7.53
N GLY A 98 -1.54 8.18 -6.93
CA GLY A 98 -2.93 8.11 -6.58
C GLY A 98 -3.96 7.77 -7.67
N PHE A 99 -3.80 8.31 -8.86
CA PHE A 99 -4.71 7.93 -9.92
C PHE A 99 -4.64 6.47 -10.26
N LYS A 100 -3.46 5.92 -10.38
CA LYS A 100 -3.34 4.52 -10.75
C LYS A 100 -3.88 3.57 -9.72
N SER A 101 -3.58 3.79 -8.46
CA SER A 101 -4.09 2.91 -7.43
C SER A 101 -5.56 3.02 -7.32
N GLY A 102 -6.05 4.25 -7.33
CA GLY A 102 -7.47 4.45 -7.21
C GLY A 102 -8.28 3.92 -8.36
N SER A 103 -7.86 4.16 -9.58
CA SER A 103 -8.64 3.77 -10.71
C SER A 103 -8.75 2.30 -10.70
N MET A 104 -7.62 1.69 -10.50
CA MET A 104 -7.48 0.27 -10.55
C MET A 104 -8.13 -0.45 -9.40
N ARG A 105 -8.14 0.20 -8.26
CA ARG A 105 -8.88 -0.32 -7.15
C ARG A 105 -10.31 -0.32 -7.56
N LEU A 106 -10.72 0.77 -8.15
CA LEU A 106 -12.09 0.90 -8.61
C LEU A 106 -12.56 0.06 -9.77
N GLY A 107 -11.78 0.00 -10.82
CA GLY A 107 -12.16 -0.81 -11.96
C GLY A 107 -10.97 -1.27 -12.76
N LYS A 108 -11.16 -2.30 -13.56
CA LYS A 108 -10.12 -2.84 -14.41
C LYS A 108 -9.66 -1.90 -15.48
N ASP A 109 -10.58 -1.15 -16.04
CA ASP A 109 -10.30 -0.37 -17.21
C ASP A 109 -10.72 1.06 -17.02
N ALA A 110 -9.91 2.00 -17.47
CA ALA A 110 -10.24 3.40 -17.28
C ALA A 110 -9.84 4.24 -18.46
N MET A 111 -10.47 5.39 -18.61
CA MET A 111 -10.04 6.32 -19.63
C MET A 111 -10.12 7.74 -19.22
N VAL A 112 -9.21 8.53 -19.73
CA VAL A 112 -9.16 9.92 -19.35
C VAL A 112 -9.34 10.78 -20.56
N PHE A 113 -10.26 11.73 -20.44
CA PHE A 113 -10.47 12.72 -21.44
C PHE A 113 -10.12 14.02 -20.83
N THR A 114 -9.26 14.79 -21.47
CA THR A 114 -8.87 16.06 -20.89
C THR A 114 -8.83 17.17 -21.93
N LYS A 115 -9.22 18.38 -21.53
CA LYS A 115 -9.12 19.57 -22.38
C LYS A 115 -8.41 20.66 -21.62
N ASN A 116 -7.34 21.21 -22.18
CA ASN A 116 -6.69 22.35 -21.54
C ASN A 116 -6.99 23.66 -22.19
N GLY A 117 -7.86 23.63 -23.18
CA GLY A 117 -8.24 24.81 -23.91
C GLY A 117 -7.28 25.18 -25.01
N GLU A 118 -6.26 24.37 -25.22
CA GLU A 118 -5.44 24.53 -26.38
C GLU A 118 -5.47 23.28 -27.16
N THR A 119 -5.58 22.16 -26.49
CA THR A 119 -5.57 20.88 -27.14
C THR A 119 -6.48 20.04 -26.34
N MET A 120 -6.92 18.93 -26.90
CA MET A 120 -7.67 17.99 -26.11
C MET A 120 -7.14 16.59 -26.35
N SER A 121 -7.03 15.79 -25.30
CA SER A 121 -6.45 14.45 -25.44
C SER A 121 -7.18 13.38 -24.69
N VAL A 122 -7.02 12.16 -25.17
CA VAL A 122 -7.65 11.01 -24.56
C VAL A 122 -6.64 9.94 -24.19
N GLY A 123 -6.73 9.45 -22.96
CA GLY A 123 -5.78 8.45 -22.47
C GLY A 123 -6.39 7.19 -21.93
N PHE A 124 -5.73 6.07 -22.15
CA PHE A 124 -6.23 4.74 -21.81
C PHE A 124 -5.41 3.94 -20.82
N LEU A 125 -6.00 3.49 -19.73
CA LEU A 125 -5.38 2.50 -18.88
C LEU A 125 -6.33 1.37 -18.70
N SER A 126 -6.11 0.23 -19.33
CA SER A 126 -6.92 -0.94 -19.06
C SER A 126 -6.11 -2.19 -18.87
N GLN A 127 -6.41 -2.92 -17.83
CA GLN A 127 -5.87 -4.23 -17.64
C GLN A 127 -6.41 -5.14 -18.68
N THR A 128 -7.67 -4.95 -18.98
CA THR A 128 -8.38 -5.82 -19.89
C THR A 128 -7.73 -5.71 -21.24
N TYR A 129 -7.39 -4.50 -21.61
CA TYR A 129 -6.80 -4.27 -22.88
C TYR A 129 -5.52 -5.01 -22.94
N LEU A 130 -4.72 -4.87 -21.91
CA LEU A 130 -3.40 -5.44 -21.86
C LEU A 130 -3.35 -6.94 -21.80
N GLU A 131 -4.30 -7.53 -21.11
CA GLU A 131 -4.36 -8.96 -21.09
C GLU A 131 -4.58 -9.42 -22.49
N VAL A 132 -5.46 -8.75 -23.19
CA VAL A 132 -5.86 -9.18 -24.51
C VAL A 132 -4.80 -9.16 -25.56
N ILE A 133 -4.00 -8.11 -25.59
CA ILE A 133 -2.89 -8.06 -26.52
C ILE A 133 -1.68 -8.72 -25.92
N LYS A 134 -1.82 -9.19 -24.69
CA LYS A 134 -0.75 -9.91 -24.04
C LYS A 134 0.49 -9.07 -23.96
N ALA A 135 0.30 -7.82 -23.58
CA ALA A 135 1.39 -6.91 -23.49
C ALA A 135 2.32 -7.36 -22.41
N GLU A 136 3.60 -7.22 -22.64
CA GLU A 136 4.55 -7.49 -21.61
C GLU A 136 4.95 -6.23 -20.90
N HIS A 137 4.47 -5.11 -21.40
CA HIS A 137 4.73 -3.83 -20.78
C HIS A 137 3.44 -3.06 -20.66
N VAL A 138 3.40 -2.13 -19.73
CA VAL A 138 2.25 -1.30 -19.59
C VAL A 138 2.45 -0.21 -20.59
N VAL A 139 1.55 -0.15 -21.53
CA VAL A 139 1.63 0.85 -22.55
C VAL A 139 0.35 1.62 -22.44
N VAL A 140 0.43 2.93 -22.44
CA VAL A 140 -0.76 3.73 -22.31
C VAL A 140 -1.08 4.48 -23.59
N PRO A 141 -2.16 3.99 -24.32
CA PRO A 141 -2.47 4.76 -25.53
C PRO A 141 -3.00 6.15 -25.31
N ILE A 142 -2.52 7.08 -26.12
CA ILE A 142 -2.97 8.45 -26.05
C ILE A 142 -3.22 9.00 -27.43
N VAL A 143 -4.26 9.80 -27.54
CA VAL A 143 -4.68 10.44 -28.77
C VAL A 143 -4.83 11.91 -28.53
N THR A 144 -4.29 12.75 -29.39
CA THR A 144 -4.45 14.19 -29.20
C THR A 144 -4.93 14.98 -30.41
N PHE A 145 -5.71 16.01 -30.14
CA PHE A 145 -6.35 16.79 -31.17
C PHE A 145 -6.08 18.26 -31.00
N ASN A 146 -6.16 19.01 -32.08
CA ASN A 146 -6.14 20.46 -32.04
C ASN A 146 -7.47 21.03 -31.60
N LYS A 147 -7.51 22.32 -31.38
CA LYS A 147 -8.75 22.95 -30.96
C LYS A 147 -9.78 22.68 -32.04
N HIS A 148 -9.31 22.41 -33.24
CA HIS A 148 -10.15 22.17 -34.40
C HIS A 148 -10.44 20.70 -34.54
N ARG A 149 -10.14 19.93 -33.51
CA ARG A 149 -10.34 18.49 -33.55
C ARG A 149 -9.60 17.88 -34.70
N GLN A 150 -8.39 18.35 -34.90
CA GLN A 150 -7.53 17.72 -35.85
C GLN A 150 -6.46 16.96 -35.07
N MET A 151 -6.26 15.68 -35.40
CA MET A 151 -5.31 14.84 -34.73
C MET A 151 -3.97 15.45 -34.94
N ILE A 152 -3.17 15.56 -33.90
CA ILE A 152 -1.97 16.35 -34.04
C ILE A 152 -0.64 15.72 -33.71
N ASN A 153 -0.63 14.49 -33.27
CA ASN A 153 0.62 13.80 -33.00
C ASN A 153 0.49 12.45 -33.62
N LEU A 154 0.55 12.40 -34.92
CA LEU A 154 -0.09 11.32 -35.61
C LEU A 154 0.43 9.95 -35.29
N THR A 155 1.74 9.80 -35.22
CA THR A 155 2.29 8.47 -35.16
C THR A 155 1.78 7.79 -33.93
N GLU A 156 1.85 8.50 -32.81
CA GLU A 156 1.31 8.01 -31.56
C GLU A 156 -0.18 7.95 -31.61
N SER A 157 -0.78 9.00 -32.14
CA SER A 157 -2.21 9.14 -32.15
C SER A 157 -2.93 8.12 -32.99
N LYS A 158 -2.42 7.81 -34.17
CA LYS A 158 -3.09 6.81 -34.99
C LYS A 158 -3.04 5.47 -34.34
N ALA A 159 -1.87 5.09 -33.85
CA ALA A 159 -1.74 3.82 -33.18
C ALA A 159 -2.56 3.79 -31.94
N SER A 160 -2.54 4.89 -31.21
CA SER A 160 -3.30 4.96 -30.00
C SER A 160 -4.75 4.81 -30.31
N LEU A 161 -5.21 5.48 -31.35
CA LEU A 161 -6.61 5.49 -31.72
C LEU A 161 -7.11 4.15 -32.16
N ALA A 162 -6.32 3.44 -32.91
CA ALA A 162 -6.74 2.15 -33.41
C ALA A 162 -6.99 1.24 -32.26
N ALA A 163 -6.09 1.26 -31.30
CA ALA A 163 -6.20 0.44 -30.12
C ALA A 163 -7.37 0.83 -29.29
N ILE A 164 -7.53 2.12 -29.11
CA ILE A 164 -8.57 2.59 -28.24
C ILE A 164 -9.86 2.14 -28.85
N LEU A 165 -10.01 2.37 -30.13
CA LEU A 165 -11.27 2.12 -30.77
C LEU A 165 -11.56 0.65 -30.72
N GLU A 166 -10.54 -0.16 -30.94
CA GLU A 166 -10.75 -1.59 -30.92
C GLU A 166 -11.12 -2.18 -29.60
N HIS A 167 -10.43 -1.78 -28.54
CA HIS A 167 -10.60 -2.47 -27.29
C HIS A 167 -11.33 -1.63 -26.30
N SER A 168 -11.57 -0.40 -26.67
CA SER A 168 -12.18 0.52 -25.76
C SER A 168 -13.64 0.30 -25.67
N LEU A 169 -14.23 0.96 -24.70
CA LEU A 169 -15.66 1.02 -24.57
C LEU A 169 -16.27 1.78 -25.73
N PHE A 170 -15.55 2.75 -26.23
CA PHE A 170 -16.06 3.61 -27.28
C PHE A 170 -15.54 3.18 -28.65
N SER A 171 -16.42 2.59 -29.45
CA SER A 171 -16.08 2.03 -30.74
C SER A 171 -15.62 2.98 -31.83
N THR A 172 -16.18 4.18 -31.87
CA THR A 172 -16.00 5.07 -32.99
C THR A 172 -15.63 6.43 -32.49
N GLU A 173 -15.01 7.24 -33.33
CA GLU A 173 -14.48 8.49 -32.87
C GLU A 173 -15.60 9.28 -32.30
N GLN A 174 -16.77 9.14 -32.91
CA GLN A 174 -17.89 9.93 -32.50
C GLN A 174 -18.14 9.64 -31.05
N LYS A 175 -18.01 8.38 -30.69
CA LYS A 175 -18.22 7.96 -29.32
C LYS A 175 -17.24 8.58 -28.36
N LEU A 176 -15.98 8.69 -28.76
CA LEU A 176 -15.01 9.38 -27.93
C LEU A 176 -15.33 10.82 -27.78
N LEU A 177 -15.64 11.46 -28.89
CA LEU A 177 -15.81 12.90 -28.89
C LEU A 177 -17.03 13.35 -28.12
N ALA A 178 -17.97 12.44 -27.93
CA ALA A 178 -19.09 12.76 -27.10
C ALA A 178 -18.64 13.02 -25.70
N GLU A 179 -17.77 12.15 -25.20
CA GLU A 179 -17.24 12.25 -23.86
C GLU A 179 -16.41 13.47 -23.73
N LEU A 180 -15.66 13.76 -24.75
CA LEU A 180 -14.84 14.94 -24.76
C LEU A 180 -15.74 16.12 -24.61
N ASN A 181 -16.92 16.04 -25.20
CA ASN A 181 -17.83 17.17 -25.17
C ASN A 181 -18.68 17.28 -23.93
N ALA A 182 -18.61 16.29 -23.06
CA ALA A 182 -19.27 16.36 -21.79
C ALA A 182 -18.57 17.30 -20.83
N ILE A 183 -17.36 17.70 -21.17
CA ILE A 183 -16.72 18.75 -20.41
C ILE A 183 -17.11 20.04 -21.05
N MET A 184 -18.07 20.70 -20.44
CA MET A 184 -18.71 21.84 -21.03
C MET A 184 -17.80 23.01 -21.25
N GLY A 185 -16.90 23.21 -20.32
CA GLY A 185 -16.03 24.35 -20.35
C GLY A 185 -15.02 24.14 -21.43
N LYS A 186 -14.24 25.17 -21.67
CA LYS A 186 -13.10 25.12 -22.55
C LYS A 186 -12.05 24.18 -22.00
N LYS A 187 -12.00 24.08 -20.67
CA LYS A 187 -11.04 23.26 -19.97
C LYS A 187 -11.72 22.32 -19.01
N GLY A 188 -11.11 21.18 -18.74
CA GLY A 188 -11.65 20.25 -17.76
C GLY A 188 -11.27 18.84 -18.07
N THR A 189 -11.69 17.91 -17.24
CA THR A 189 -11.31 16.52 -17.42
C THR A 189 -12.42 15.57 -17.07
N ARG A 190 -12.50 14.48 -17.80
CA ARG A 190 -13.49 13.48 -17.48
C ARG A 190 -12.87 12.12 -17.43
N ILE A 191 -13.09 11.39 -16.36
CA ILE A 191 -12.51 10.09 -16.19
C ILE A 191 -13.61 9.09 -16.11
N ILE A 192 -13.53 8.07 -16.95
CA ILE A 192 -14.52 7.04 -16.99
C ILE A 192 -13.90 5.76 -16.59
N ILE A 193 -14.52 5.06 -15.68
CA ILE A 193 -14.04 3.79 -15.24
C ILE A 193 -15.11 2.77 -15.43
N TRP A 194 -14.75 1.65 -16.02
CA TRP A 194 -15.69 0.60 -16.31
C TRP A 194 -15.07 -0.71 -15.93
N ASN A 195 -15.84 -1.78 -15.94
CA ASN A 195 -15.35 -3.04 -15.47
C ASN A 195 -15.08 -3.01 -14.00
N LEU A 196 -16.03 -2.43 -13.31
CA LEU A 196 -15.99 -2.22 -11.90
C LEU A 196 -15.96 -3.53 -11.19
N ARG A 197 -15.41 -3.51 -9.98
CA ARG A 197 -15.28 -4.69 -9.18
C ARG A 197 -16.64 -5.19 -8.84
N SER A 198 -16.83 -6.49 -8.97
CA SER A 198 -18.09 -7.08 -8.64
C SER A 198 -17.89 -8.29 -7.79
N TYR A 199 -18.70 -8.43 -6.77
CA TYR A 199 -18.74 -9.66 -6.02
C TYR A 199 -20.10 -10.24 -6.17
N LYS A 200 -20.15 -11.53 -6.42
CA LYS A 200 -21.34 -12.17 -6.87
C LYS A 200 -21.58 -11.55 -8.22
N ASN A 201 -22.79 -11.15 -8.54
CA ASN A 201 -23.03 -10.58 -9.86
C ASN A 201 -23.20 -9.08 -9.90
N ALA A 202 -22.96 -8.42 -8.79
CA ALA A 202 -23.29 -7.01 -8.69
C ALA A 202 -22.11 -6.12 -8.40
N THR A 203 -22.11 -4.92 -8.93
CA THR A 203 -20.98 -4.11 -8.67
C THR A 203 -20.87 -3.98 -7.19
N GLU A 204 -19.66 -3.70 -6.74
CA GLU A 204 -19.35 -3.60 -5.36
C GLU A 204 -20.17 -2.54 -4.67
N PHE A 205 -20.37 -1.43 -5.34
CA PHE A 205 -21.22 -0.38 -4.83
C PHE A 205 -22.68 -0.68 -4.97
N ASP A 206 -23.50 -0.05 -4.15
CA ASP A 206 -24.93 -0.14 -4.25
C ASP A 206 -25.46 1.18 -4.73
N PHE A 207 -26.09 1.18 -5.89
CA PHE A 207 -26.63 2.41 -6.42
C PHE A 207 -28.12 2.48 -6.24
N GLU A 208 -28.75 1.34 -6.07
CA GLU A 208 -30.18 1.24 -5.91
C GLU A 208 -30.74 1.88 -4.67
N LYS A 209 -30.04 1.77 -3.57
CA LYS A 209 -30.57 2.20 -2.31
C LYS A 209 -30.86 3.67 -2.25
N ASP A 210 -29.98 4.47 -2.82
CA ASP A 210 -30.23 5.87 -2.92
C ASP A 210 -29.74 6.27 -4.27
N LYS A 211 -30.57 6.89 -5.09
CA LYS A 211 -30.09 7.30 -6.38
C LYS A 211 -29.21 8.50 -6.25
N TYR A 212 -29.22 9.13 -5.08
CA TYR A 212 -28.43 10.32 -4.87
C TYR A 212 -27.15 10.05 -4.10
N ASP A 213 -26.84 8.78 -3.88
CA ASP A 213 -25.61 8.39 -3.21
C ASP A 213 -24.94 7.23 -3.87
N ILE A 214 -23.64 7.11 -3.63
CA ILE A 214 -22.91 5.92 -3.95
C ILE A 214 -22.60 5.27 -2.62
N ARG A 215 -22.91 4.01 -2.49
CA ARG A 215 -22.99 3.39 -1.20
C ARG A 215 -22.34 2.04 -1.15
N ILE A 216 -22.01 1.60 0.05
CA ILE A 216 -21.51 0.26 0.24
C ILE A 216 -22.60 -0.53 0.87
N PRO A 217 -22.85 -1.76 0.26
CA PRO A 217 -24.03 -2.44 0.78
C PRO A 217 -23.87 -3.00 2.18
N GLU A 218 -24.94 -2.95 2.96
CA GLU A 218 -24.98 -3.71 4.18
C GLU A 218 -25.11 -5.14 3.77
N ASP A 219 -24.62 -6.06 4.58
CA ASP A 219 -24.84 -7.47 4.29
C ASP A 219 -25.01 -8.29 5.56
N TYR A 229 -22.70 -1.58 7.29
CA TYR A 229 -21.29 -1.77 6.96
C TYR A 229 -20.41 -0.88 7.79
N LYS A 230 -19.37 -1.47 8.38
CA LYS A 230 -18.42 -0.70 9.16
C LYS A 230 -17.05 -1.01 8.66
N LYS A 231 -16.15 -0.08 8.81
CA LYS A 231 -14.79 -0.26 8.37
C LYS A 231 -14.10 -1.21 9.31
N GLN A 232 -12.92 -1.67 8.93
CA GLN A 232 -12.22 -2.63 9.74
C GLN A 232 -12.00 -2.17 11.15
N GLU A 233 -11.66 -0.91 11.30
CA GLU A 233 -11.20 -0.39 12.57
C GLU A 233 -12.18 -0.46 13.72
N ARG A 234 -13.46 -0.20 13.50
CA ARG A 234 -14.41 -0.27 14.60
C ARG A 234 -15.57 -1.20 14.30
N ILE A 238 -21.66 0.19 15.60
CA ILE A 238 -22.53 1.12 14.90
C ILE A 238 -21.70 2.07 14.07
N ALA A 239 -22.12 2.27 12.84
CA ALA A 239 -21.26 2.86 11.85
C ALA A 239 -21.59 4.28 11.52
N PRO A 240 -20.46 5.11 11.47
CA PRO A 240 -20.77 6.46 10.99
C PRO A 240 -21.12 6.35 9.54
N GLU A 241 -21.86 7.32 9.04
CA GLU A 241 -22.35 7.29 7.69
C GLU A 241 -21.21 7.31 6.72
N SER A 242 -20.14 7.98 7.08
CA SER A 242 -19.01 8.16 6.20
C SER A 242 -18.38 6.87 5.83
N ASP A 243 -18.57 5.86 6.66
CA ASP A 243 -18.08 4.56 6.32
C ASP A 243 -18.80 4.03 5.11
N TYR A 244 -20.10 4.23 5.06
CA TYR A 244 -20.89 3.60 4.03
C TYR A 244 -21.58 4.50 3.02
N SER A 245 -21.57 5.81 3.24
CA SER A 245 -22.20 6.70 2.29
C SER A 245 -21.22 7.71 1.74
N LEU A 246 -21.03 7.71 0.44
CA LEU A 246 -20.06 8.58 -0.17
C LEU A 246 -20.38 10.03 0.07
N ARG A 247 -21.64 10.34 0.11
CA ARG A 247 -22.01 11.71 0.35
C ARG A 247 -21.61 12.13 1.73
N ALA A 248 -21.88 11.29 2.67
CA ALA A 248 -21.59 11.63 4.04
C ALA A 248 -20.11 11.80 4.16
N TYR A 249 -19.38 10.95 3.50
CA TYR A 249 -17.96 11.00 3.55
C TYR A 249 -17.45 12.27 2.95
N CYS A 250 -18.02 12.64 1.83
CA CYS A 250 -17.52 13.79 1.09
C CYS A 250 -17.69 15.06 1.85
N SER A 251 -18.70 15.12 2.68
CA SER A 251 -18.97 16.31 3.45
C SER A 251 -17.81 16.67 4.32
N ILE A 252 -17.20 15.67 4.97
CA ILE A 252 -16.18 15.93 5.94
C ILE A 252 -14.81 15.80 5.36
N LEU A 253 -14.74 15.60 4.06
CA LEU A 253 -13.49 15.34 3.42
C LEU A 253 -12.47 16.44 3.52
N TYR A 254 -12.88 17.69 3.44
CA TYR A 254 -11.93 18.79 3.50
C TYR A 254 -12.29 19.72 4.60
N LEU A 255 -11.32 20.12 5.38
CA LEU A 255 -11.58 20.97 6.52
C LEU A 255 -12.12 22.30 6.08
N LYS A 256 -11.48 22.91 5.10
CA LYS A 256 -11.97 24.15 4.54
C LYS A 256 -12.16 23.96 3.07
N PRO A 257 -13.46 23.67 2.67
CA PRO A 257 -13.56 23.29 1.27
C PRO A 257 -13.17 24.38 0.31
N ARG A 258 -12.62 23.99 -0.82
CA ARG A 258 -12.37 24.87 -1.91
C ARG A 258 -13.14 24.45 -3.14
N MET A 259 -13.77 23.30 -3.08
CA MET A 259 -14.33 22.73 -4.28
C MET A 259 -15.70 22.21 -4.00
N GLN A 260 -16.50 22.05 -5.03
CA GLN A 260 -17.83 21.57 -4.86
C GLN A 260 -17.86 20.17 -5.38
N ILE A 261 -18.41 19.27 -4.61
CA ILE A 261 -18.46 17.91 -5.00
C ILE A 261 -19.89 17.69 -5.26
N ILE A 262 -20.20 17.12 -6.40
CA ILE A 262 -21.56 16.80 -6.71
C ILE A 262 -21.61 15.33 -7.02
N ILE A 263 -22.46 14.60 -6.33
CA ILE A 263 -22.55 13.16 -6.50
C ILE A 263 -23.91 12.84 -6.99
N ARG A 264 -23.98 12.09 -8.08
CA ARG A 264 -25.26 11.66 -8.60
C ARG A 264 -26.04 12.89 -8.95
N GLY A 265 -25.35 13.97 -9.25
CA GLY A 265 -26.01 15.16 -9.70
C GLY A 265 -26.57 16.03 -8.61
N GLN A 266 -26.43 15.59 -7.38
CA GLN A 266 -26.86 16.43 -6.28
C GLN A 266 -25.65 16.86 -5.54
N LYS A 267 -25.54 18.15 -5.28
CA LYS A 267 -24.34 18.70 -4.69
C LYS A 267 -24.22 18.29 -3.25
N VAL A 268 -23.02 18.39 -2.71
CA VAL A 268 -22.75 17.93 -1.36
C VAL A 268 -22.63 19.10 -0.43
N LYS A 269 -23.25 18.97 0.73
CA LYS A 269 -23.25 20.05 1.69
C LYS A 269 -22.19 19.86 2.74
N THR A 270 -21.21 20.75 2.75
CA THR A 270 -20.12 20.65 3.66
C THR A 270 -20.60 20.96 5.04
N GLN A 271 -20.16 20.16 6.00
CA GLN A 271 -20.46 20.39 7.40
C GLN A 271 -19.67 21.56 7.93
N LEU A 272 -20.22 22.25 8.90
CA LEU A 272 -19.49 23.34 9.52
C LEU A 272 -19.38 23.02 10.99
N VAL A 273 -18.23 23.29 11.56
CA VAL A 273 -17.98 22.86 12.91
C VAL A 273 -19.01 23.53 13.78
N SER A 274 -19.22 24.81 13.56
CA SER A 274 -20.30 25.50 14.20
C SER A 274 -21.50 24.87 13.60
N LYS A 275 -22.50 24.61 14.42
CA LYS A 275 -23.71 23.92 14.00
C LYS A 275 -23.47 22.43 14.04
N SER A 276 -22.25 22.01 14.37
CA SER A 276 -22.00 20.59 14.51
C SER A 276 -21.56 20.18 15.90
N LEU A 277 -20.97 21.10 16.64
CA LEU A 277 -20.40 20.79 17.93
C LEU A 277 -20.75 21.85 18.95
N ALA A 278 -20.78 21.47 20.21
CA ALA A 278 -21.17 22.38 21.25
C ALA A 278 -20.10 22.43 22.30
N TYR A 279 -20.06 23.51 23.07
CA TYR A 279 -19.09 23.60 24.11
C TYR A 279 -17.71 23.57 23.53
N ILE A 280 -17.57 24.20 22.38
CA ILE A 280 -16.32 24.21 21.68
C ILE A 280 -15.25 24.94 22.45
N GLU A 281 -14.03 24.42 22.36
CA GLU A 281 -12.88 25.04 22.98
C GLU A 281 -11.66 24.80 22.13
N ARG A 282 -10.63 25.61 22.33
CA ARG A 282 -9.42 25.48 21.56
C ARG A 282 -8.31 25.00 22.44
N ASP A 283 -7.41 24.23 21.85
CA ASP A 283 -6.26 23.74 22.57
C ASP A 283 -5.09 23.73 21.64
N VAL A 284 -3.90 23.58 22.18
CA VAL A 284 -2.71 23.67 21.36
C VAL A 284 -1.74 22.56 21.66
N TYR A 285 -0.93 22.24 20.65
CA TYR A 285 0.07 21.21 20.74
C TYR A 285 1.37 21.85 20.39
N ARG A 286 2.36 21.72 21.24
CA ARG A 286 3.61 22.42 21.05
C ARG A 286 4.70 21.40 21.20
N PRO A 287 4.83 20.52 20.12
CA PRO A 287 5.80 19.45 20.33
C PRO A 287 7.19 20.00 20.29
N LYS A 288 8.07 19.24 20.89
CA LYS A 288 9.48 19.54 20.90
C LYS A 288 10.02 19.51 19.50
N PHE A 289 9.47 18.66 18.66
CA PHE A 289 10.07 18.42 17.36
C PHE A 289 9.59 19.36 16.28
N LEU A 290 8.73 20.29 16.64
CA LEU A 290 8.19 21.22 15.66
C LEU A 290 8.41 22.65 16.06
N THR A 291 8.85 23.47 15.11
CA THR A 291 8.98 24.89 15.36
C THR A 291 7.66 25.59 15.63
N ARG A 292 6.65 25.20 14.89
CA ARG A 292 5.37 25.89 14.88
C ARG A 292 4.38 25.25 15.81
N THR A 293 3.41 26.00 16.29
CA THR A 293 2.35 25.44 17.10
C THR A 293 1.28 24.81 16.24
N VAL A 294 0.51 23.89 16.82
CA VAL A 294 -0.59 23.27 16.14
C VAL A 294 -1.86 23.37 16.93
N ARG A 295 -2.90 23.94 16.34
CA ARG A 295 -4.16 24.14 17.01
C ARG A 295 -5.00 22.93 17.00
N ILE A 296 -5.84 22.81 18.01
CA ILE A 296 -6.80 21.75 18.04
C ILE A 296 -8.12 22.34 18.48
N THR A 297 -9.21 21.75 18.01
CA THR A 297 -10.52 22.20 18.38
C THR A 297 -11.25 21.03 18.99
N PHE A 298 -11.88 21.28 20.11
CA PHE A 298 -12.63 20.25 20.79
C PHE A 298 -14.08 20.67 20.93
N GLY A 299 -14.97 19.73 20.69
CA GLY A 299 -16.37 19.95 20.92
C GLY A 299 -17.07 18.66 21.20
N PHE A 300 -18.20 18.71 21.88
CA PHE A 300 -19.05 17.55 22.05
C PHE A 300 -19.87 17.38 20.82
N ASN A 301 -20.37 16.17 20.59
CA ASN A 301 -21.11 15.91 19.38
C ASN A 301 -22.59 16.05 19.61
N CYS A 302 -23.20 17.01 18.95
CA CYS A 302 -24.64 17.13 18.93
C CYS A 302 -25.10 16.15 17.87
N ARG A 303 -26.40 15.93 17.78
CA ARG A 303 -26.89 14.91 16.89
C ARG A 303 -26.48 13.54 17.41
N ASN A 304 -25.85 12.72 16.59
CA ASN A 304 -25.78 11.29 16.85
C ASN A 304 -25.07 10.87 18.13
N LYS A 305 -23.97 11.51 18.44
CA LYS A 305 -23.30 11.29 19.70
C LYS A 305 -23.03 9.82 19.91
N ASP A 306 -22.72 9.13 18.82
CA ASP A 306 -22.08 7.85 18.91
C ASP A 306 -20.79 7.84 18.12
N HIS A 307 -20.49 8.98 17.53
CA HIS A 307 -19.31 9.02 16.72
C HIS A 307 -18.47 10.16 17.20
N TYR A 308 -17.34 9.82 17.77
CA TYR A 308 -16.50 10.81 18.37
C TYR A 308 -15.09 10.39 18.16
N GLY A 309 -14.19 11.34 18.29
CA GLY A 309 -12.81 11.03 18.15
C GLY A 309 -12.12 12.19 17.56
N ILE A 310 -10.85 12.01 17.33
CA ILE A 310 -10.08 12.98 16.65
C ILE A 310 -10.44 12.90 15.21
N MET A 311 -10.40 14.03 14.54
CA MET A 311 -10.44 14.05 13.12
C MET A 311 -9.10 14.53 12.71
N MET A 312 -8.42 13.75 11.89
CA MET A 312 -7.09 14.11 11.51
C MET A 312 -7.04 14.50 10.05
N TYR A 313 -6.55 15.70 9.82
CA TYR A 313 -6.52 16.28 8.50
C TYR A 313 -5.10 16.57 8.13
N HIS A 314 -4.73 16.30 6.90
CA HIS A 314 -3.40 16.55 6.46
C HIS A 314 -3.49 17.39 5.20
N LYS A 315 -2.91 18.57 5.22
CA LYS A 315 -2.95 19.40 4.06
C LYS A 315 -4.39 19.57 3.70
N ASN A 316 -5.20 19.70 4.73
CA ASN A 316 -6.58 20.07 4.60
C ASN A 316 -7.50 18.95 4.24
N ARG A 317 -6.98 17.75 4.05
CA ARG A 317 -7.76 16.59 3.73
C ARG A 317 -7.88 15.70 4.92
N LEU A 318 -8.91 14.88 4.96
CA LEU A 318 -9.13 14.02 6.09
C LEU A 318 -8.50 12.69 5.88
N ILE A 319 -7.67 12.29 6.83
CA ILE A 319 -7.02 10.99 6.80
C ILE A 319 -7.67 9.96 7.67
N LYS A 320 -7.98 10.33 8.90
CA LYS A 320 -8.57 9.39 9.82
C LYS A 320 -9.71 10.06 10.50
N ALA A 321 -10.74 9.31 10.84
CA ALA A 321 -11.84 9.88 11.55
C ALA A 321 -12.19 9.07 12.77
N TYR A 322 -12.61 9.74 13.80
CA TYR A 322 -13.08 9.05 14.99
C TYR A 322 -12.03 8.18 15.60
N GLU A 323 -10.79 8.61 15.53
CA GLU A 323 -9.75 7.90 16.22
C GLU A 323 -10.05 8.16 17.65
N LYS A 324 -10.01 7.13 18.48
CA LYS A 324 -10.31 7.31 19.87
C LYS A 324 -9.03 7.47 20.60
N VAL A 325 -8.98 8.44 21.47
CA VAL A 325 -7.75 8.70 22.20
C VAL A 325 -8.07 8.89 23.66
N GLY A 326 -7.06 8.84 24.52
CA GLY A 326 -7.25 9.02 25.96
C GLY A 326 -8.12 7.91 26.53
N CYS A 327 -9.26 8.28 27.10
CA CYS A 327 -10.33 7.31 27.34
C CYS A 327 -10.88 6.79 26.03
N GLN A 328 -10.84 5.49 25.87
CA GLN A 328 -11.25 4.88 24.61
C GLN A 328 -12.75 5.04 24.39
N ASN A 333 -18.30 3.81 27.81
CA ASN A 333 -17.22 3.78 28.79
C ASN A 333 -16.94 5.17 29.34
N MET A 334 -15.68 5.44 29.66
CA MET A 334 -15.32 6.69 30.31
C MET A 334 -15.52 7.99 29.55
N GLY A 335 -15.20 8.05 28.27
CA GLY A 335 -15.32 9.30 27.55
C GLY A 335 -16.09 9.14 26.26
N VAL A 336 -17.10 9.97 26.02
CA VAL A 336 -17.84 9.84 24.77
C VAL A 336 -18.48 11.09 24.23
N GLY A 337 -18.65 11.13 22.92
CA GLY A 337 -19.32 12.23 22.27
C GLY A 337 -18.40 13.38 22.02
N VAL A 338 -17.13 13.19 22.37
CA VAL A 338 -16.15 14.21 22.24
C VAL A 338 -15.46 14.14 20.91
N VAL A 339 -15.30 15.28 20.27
CA VAL A 339 -14.71 15.31 18.97
C VAL A 339 -13.61 16.30 18.97
N GLY A 340 -12.51 15.96 18.34
CA GLY A 340 -11.40 16.89 18.24
C GLY A 340 -11.01 16.96 16.81
N ILE A 341 -10.66 18.14 16.34
CA ILE A 341 -10.25 18.30 14.97
C ILE A 341 -8.83 18.76 14.98
N ILE A 342 -7.96 18.10 14.24
CA ILE A 342 -6.60 18.54 14.14
C ILE A 342 -6.05 18.34 12.77
N GLU A 343 -5.06 19.13 12.40
CA GLU A 343 -4.38 18.96 11.14
C GLU A 343 -2.89 18.81 11.34
N CYS A 344 -2.31 17.73 10.83
CA CYS A 344 -0.90 17.51 11.01
C CYS A 344 -0.15 17.40 9.71
N ASN A 345 0.39 18.49 9.24
CA ASN A 345 1.14 18.48 8.02
C ASN A 345 2.46 17.80 8.15
N PHE A 346 2.97 17.76 9.36
CA PHE A 346 4.22 17.09 9.67
C PHE A 346 4.19 15.59 9.49
N LEU A 347 3.05 14.98 9.74
CA LEU A 347 2.93 13.55 9.63
C LEU A 347 2.94 13.17 8.18
N LYS A 348 3.19 11.92 7.89
CA LYS A 348 3.27 11.47 6.53
C LYS A 348 2.24 10.41 6.25
N PRO A 349 1.45 10.64 5.12
CA PRO A 349 0.40 9.64 4.90
C PRO A 349 0.89 8.33 4.38
N THR A 350 0.07 7.34 4.59
CA THR A 350 0.33 5.99 4.22
C THR A 350 0.03 5.83 2.77
N HIS A 351 0.19 4.64 2.24
CA HIS A 351 0.04 4.43 0.82
C HIS A 351 -1.34 4.81 0.34
N ASN A 352 -2.36 4.52 1.13
CA ASN A 352 -3.71 4.82 0.73
C ASN A 352 -4.24 6.11 1.29
N LYS A 353 -3.42 6.79 2.05
CA LYS A 353 -3.81 8.05 2.61
C LYS A 353 -4.97 7.89 3.52
N GLN A 354 -5.12 6.71 4.11
CA GLN A 354 -6.07 6.55 5.16
C GLN A 354 -5.43 6.48 6.51
N ASP A 355 -4.12 6.67 6.58
CA ASP A 355 -3.41 6.64 7.83
C ASP A 355 -2.06 7.28 7.69
N PHE A 356 -1.41 7.54 8.80
CA PHE A 356 -0.08 8.10 8.79
C PHE A 356 0.96 7.05 9.07
N ASP A 357 2.19 7.27 8.65
CA ASP A 357 3.25 6.37 8.96
C ASP A 357 3.36 6.32 10.46
N TYR A 358 3.58 5.15 11.00
CA TYR A 358 3.61 4.98 12.44
C TYR A 358 4.99 5.24 12.99
N THR A 359 5.20 6.46 13.41
CA THR A 359 6.48 6.94 13.77
C THR A 359 6.34 7.47 15.14
N ASN A 360 7.46 7.78 15.75
CA ASN A 360 7.49 8.25 17.10
C ASN A 360 6.67 9.48 17.18
N GLU A 361 6.84 10.33 16.18
CA GLU A 361 6.11 11.57 16.11
C GLU A 361 4.63 11.35 16.03
N TYR A 362 4.21 10.37 15.26
CA TYR A 362 2.81 10.05 15.19
C TYR A 362 2.39 9.63 16.56
N ARG A 363 3.23 8.83 17.18
CA ARG A 363 2.90 8.29 18.49
C ARG A 363 2.81 9.34 19.55
N LEU A 364 3.72 10.29 19.51
CA LEU A 364 3.72 11.33 20.49
C LEU A 364 2.45 12.08 20.36
N THR A 365 2.06 12.32 19.13
CA THR A 365 0.90 13.09 18.81
C THR A 365 -0.36 12.44 19.31
N ILE A 366 -0.46 11.14 19.13
CA ILE A 366 -1.64 10.45 19.58
C ILE A 366 -1.68 10.60 21.05
N LEU A 367 -0.53 10.47 21.68
CA LEU A 367 -0.48 10.46 23.11
C LEU A 367 -0.94 11.78 23.62
N ALA A 368 -0.48 12.82 22.98
CA ALA A 368 -0.84 14.16 23.38
C ALA A 368 -2.31 14.43 23.25
N LEU A 369 -2.90 13.94 22.17
CA LEU A 369 -4.29 14.23 21.92
C LEU A 369 -5.13 13.68 23.02
N GLY A 370 -4.84 12.49 23.45
CA GLY A 370 -5.61 11.88 24.52
C GLY A 370 -5.51 12.65 25.80
N GLU A 371 -4.32 13.12 26.12
CA GLU A 371 -4.17 13.90 27.31
C GLU A 371 -4.97 15.15 27.17
N LYS A 372 -4.83 15.76 26.01
CA LYS A 372 -5.45 17.04 25.82
C LYS A 372 -6.91 16.83 25.90
N LEU A 373 -7.40 15.78 25.26
CA LEU A 373 -8.81 15.52 25.26
C LEU A 373 -9.27 15.21 26.66
N ASN A 374 -8.48 14.45 27.37
CA ASN A 374 -8.88 14.04 28.70
C ASN A 374 -9.10 15.29 29.49
N ASP A 375 -8.23 16.25 29.32
CA ASP A 375 -8.33 17.47 30.05
C ASP A 375 -9.64 18.08 29.70
N TYR A 376 -9.99 17.99 28.43
CA TYR A 376 -11.19 18.63 27.97
C TYR A 376 -12.40 18.05 28.63
N TRP A 377 -12.46 16.75 28.75
CA TRP A 377 -13.65 16.13 29.27
C TRP A 377 -13.90 16.65 30.63
N ASN A 378 -12.89 16.54 31.46
CA ASN A 378 -13.09 16.80 32.85
C ASN A 378 -13.53 18.23 33.03
N GLU A 379 -12.91 19.16 32.33
CA GLU A 379 -13.27 20.55 32.52
C GLU A 379 -14.68 20.85 32.13
N MET A 380 -15.03 20.44 30.91
CA MET A 380 -16.37 20.59 30.40
C MET A 380 -17.26 19.65 31.10
N LYS A 381 -16.69 18.51 31.33
CA LYS A 381 -17.50 17.34 31.47
C LYS A 381 -18.73 17.69 32.28
N VAL A 382 -18.55 18.55 33.27
CA VAL A 382 -19.63 18.93 34.17
C VAL A 382 -20.84 19.68 33.58
N LYS A 383 -20.61 20.64 32.69
CA LYS A 383 -21.72 21.42 32.18
C LYS A 383 -22.70 20.56 31.40
N LYS A 384 -22.17 19.68 30.57
CA LYS A 384 -23.02 18.90 29.69
C LYS A 384 -23.94 17.99 30.48
N ASN A 385 -23.39 17.31 31.47
CA ASN A 385 -24.19 16.37 32.23
C ASN A 385 -25.34 17.10 32.90
N ALA A 386 -25.08 18.30 33.39
CA ALA A 386 -26.18 19.16 33.84
C ALA A 386 -26.99 19.58 32.63
N LYS A 399 -34.21 17.12 3.38
CA LYS A 399 -34.12 18.53 3.11
C LYS A 399 -33.23 18.76 1.89
N ARG A 400 -33.43 17.95 0.87
CA ARG A 400 -32.64 18.00 -0.35
C ARG A 400 -32.93 19.17 -1.25
N PRO A 401 -31.84 19.63 -2.02
CA PRO A 401 -32.19 20.73 -2.94
C PRO A 401 -33.00 20.24 -4.12
N ASP A 402 -33.72 21.13 -4.79
CA ASP A 402 -34.53 20.75 -5.93
C ASP A 402 -33.68 20.40 -7.11
N GLN A 403 -34.18 19.47 -7.90
CA GLN A 403 -33.57 19.10 -9.14
C GLN A 403 -33.82 20.11 -10.23
N THR A 404 -32.96 20.12 -11.23
CA THR A 404 -33.08 21.06 -12.32
C THR A 404 -33.10 20.30 -13.62
N TRP A 405 -33.94 20.74 -14.55
CA TRP A 405 -34.01 20.13 -15.86
C TRP A 405 -33.87 21.18 -16.94
N VAL A 406 -33.52 20.74 -18.13
CA VAL A 406 -33.51 21.60 -19.28
C VAL A 406 -34.47 20.96 -20.23
N GLN A 407 -35.15 21.77 -21.03
CA GLN A 407 -36.00 21.26 -22.10
C GLN A 407 -35.24 21.28 -23.39
N CYS A 408 -35.19 20.16 -24.05
CA CYS A 408 -34.68 20.06 -25.39
C CYS A 408 -35.56 20.83 -26.35
N ASP A 409 -34.90 21.44 -27.32
CA ASP A 409 -35.55 22.30 -28.26
C ASP A 409 -35.88 21.56 -29.51
N ALA A 410 -35.55 20.30 -29.58
CA ALA A 410 -35.92 19.49 -30.72
C ALA A 410 -36.66 18.26 -30.32
N CYS A 411 -36.96 18.14 -29.05
CA CYS A 411 -37.87 17.13 -28.49
C CYS A 411 -39.04 17.70 -27.77
N LEU A 412 -38.71 18.78 -27.09
CA LEU A 412 -39.56 19.36 -26.09
C LEU A 412 -39.57 18.51 -24.84
N LYS A 413 -38.75 17.47 -24.82
CA LYS A 413 -38.61 16.60 -23.64
C LYS A 413 -37.82 17.27 -22.54
N TRP A 414 -38.04 16.85 -21.32
CA TRP A 414 -37.33 17.40 -20.18
C TRP A 414 -36.18 16.52 -19.73
N ARG A 415 -34.99 17.07 -19.63
CA ARG A 415 -33.85 16.27 -19.25
C ARG A 415 -33.21 16.78 -17.97
N LYS A 416 -32.89 15.85 -17.08
CA LYS A 416 -32.37 16.12 -15.75
C LYS A 416 -31.02 16.77 -15.80
N LEU A 417 -30.77 17.66 -14.87
CA LEU A 417 -29.49 18.33 -14.82
C LEU A 417 -28.80 18.25 -13.48
N PRO A 418 -27.50 18.06 -13.50
CA PRO A 418 -26.73 18.00 -12.27
C PRO A 418 -26.60 19.37 -11.72
N ASP A 419 -26.37 19.51 -10.43
CA ASP A 419 -26.21 20.83 -9.86
C ASP A 419 -24.86 21.36 -10.17
N GLY A 420 -24.64 22.62 -9.84
CA GLY A 420 -23.35 23.20 -10.02
C GLY A 420 -23.03 23.82 -11.35
N ILE A 421 -24.00 23.88 -12.26
CA ILE A 421 -23.75 24.52 -13.53
C ILE A 421 -24.16 25.97 -13.46
N ASP A 422 -23.20 26.85 -13.66
CA ASP A 422 -23.44 28.28 -13.62
C ASP A 422 -24.32 28.78 -14.74
N GLN A 423 -24.08 28.30 -15.94
CA GLN A 423 -24.75 28.85 -17.10
C GLN A 423 -24.78 27.89 -18.25
N LEU A 424 -25.68 28.14 -19.18
CA LEU A 424 -25.94 27.23 -20.27
C LEU A 424 -25.91 27.94 -21.57
N PRO A 425 -25.95 27.09 -22.68
CA PRO A 425 -25.99 27.80 -23.96
C PRO A 425 -27.41 28.27 -24.22
N GLU A 426 -27.64 29.06 -25.27
CA GLU A 426 -28.95 29.67 -25.45
C GLU A 426 -30.06 28.65 -25.59
N LYS A 427 -29.86 27.59 -26.37
CA LYS A 427 -30.74 26.44 -26.24
C LYS A 427 -30.03 25.11 -26.32
N TRP A 428 -30.69 24.11 -25.77
CA TRP A 428 -30.11 22.87 -25.41
C TRP A 428 -30.77 21.71 -26.11
N TYR A 429 -29.97 20.85 -26.71
CA TYR A 429 -30.51 19.74 -27.43
C TYR A 429 -30.02 18.43 -26.86
N CYS A 430 -30.77 17.37 -27.00
CA CYS A 430 -30.46 16.14 -26.32
C CYS A 430 -29.10 15.67 -26.79
N SER A 431 -28.70 16.09 -27.97
CA SER A 431 -27.44 15.68 -28.52
C SER A 431 -26.28 16.09 -27.66
N ASN A 432 -26.41 17.22 -26.99
CA ASN A 432 -25.30 17.73 -26.23
C ASN A 432 -25.44 17.45 -24.75
N ASN A 433 -26.16 16.38 -24.43
CA ASN A 433 -26.31 15.97 -23.04
C ASN A 433 -25.05 15.31 -22.52
N PRO A 434 -24.54 15.91 -21.36
CA PRO A 434 -23.41 15.20 -20.78
C PRO A 434 -23.77 13.81 -20.29
N ASP A 435 -24.96 13.68 -19.74
CA ASP A 435 -25.41 12.41 -19.23
C ASP A 435 -25.44 11.50 -20.41
N PRO A 436 -24.71 10.41 -20.37
CA PRO A 436 -24.62 9.52 -21.50
C PRO A 436 -25.93 8.88 -21.84
N GLN A 437 -26.72 8.62 -20.83
CA GLN A 437 -27.94 7.88 -21.02
C GLN A 437 -29.08 8.63 -21.72
N PHE A 438 -29.01 9.96 -21.76
CA PHE A 438 -30.07 10.72 -22.38
C PHE A 438 -29.46 11.70 -23.37
N ARG A 439 -28.87 11.13 -24.40
CA ARG A 439 -28.24 11.92 -25.42
C ARG A 439 -28.97 11.79 -26.73
N ASN A 440 -30.11 11.15 -26.69
CA ASN A 440 -30.92 10.90 -27.85
C ASN A 440 -32.23 11.57 -27.66
N CYS A 441 -32.66 12.33 -28.63
CA CYS A 441 -34.02 12.86 -28.51
C CYS A 441 -35.06 11.77 -28.35
N GLU A 442 -34.72 10.58 -28.81
CA GLU A 442 -35.68 9.49 -28.89
C GLU A 442 -35.79 8.77 -27.60
N VAL A 443 -35.31 9.40 -26.54
CA VAL A 443 -35.17 8.72 -25.30
C VAL A 443 -36.23 9.20 -24.35
N PRO A 444 -37.01 8.17 -23.83
CA PRO A 444 -38.16 8.66 -23.07
C PRO A 444 -37.80 9.56 -21.94
N GLU A 445 -38.68 10.48 -21.63
CA GLU A 445 -38.44 11.43 -20.59
C GLU A 445 -38.47 10.70 -19.28
N GLU A 446 -37.80 11.28 -18.29
CA GLU A 446 -37.59 10.63 -17.02
C GLU A 446 -38.59 11.11 -16.00
N PRO A 447 -39.26 10.10 -15.30
CA PRO A 447 -40.26 10.61 -14.37
C PRO A 447 -39.63 11.43 -13.29
N GLU A 448 -40.27 12.51 -12.88
CA GLU A 448 -39.76 13.26 -11.75
C GLU A 448 -40.11 12.55 -10.48
N ASP A 449 -39.42 12.90 -9.41
CA ASP A 449 -39.46 12.13 -8.19
C ASP A 449 -40.83 12.08 -7.58
N GLU A 450 -41.21 10.88 -7.17
CA GLU A 450 -42.50 10.58 -6.65
C GLU A 450 -42.52 10.79 -5.16
N GLY B 3 3.74 2.41 -31.83
CA GLY B 3 3.91 3.85 -31.75
C GLY B 3 3.42 4.37 -30.43
N ILE B 4 2.66 3.53 -29.74
CA ILE B 4 2.12 3.83 -28.43
C ILE B 4 3.18 3.88 -27.36
N ARG B 5 3.03 4.79 -26.43
CA ARG B 5 3.99 4.94 -25.36
C ARG B 5 3.91 3.95 -24.21
N LEU B 6 5.07 3.68 -23.65
CA LEU B 6 5.20 2.92 -22.43
C LEU B 6 4.91 3.80 -21.25
N SER B 7 4.32 3.21 -20.23
CA SER B 7 4.21 3.87 -18.95
C SER B 7 5.58 3.93 -18.32
N ALA B 8 5.82 4.91 -17.48
CA ALA B 8 7.14 5.17 -16.99
C ALA B 8 7.22 5.21 -15.48
N LEU B 9 8.40 4.92 -14.95
CA LEU B 9 8.62 4.95 -13.52
C LEU B 9 9.56 6.03 -13.13
N CYS B 10 9.08 6.89 -12.26
CA CYS B 10 9.89 7.92 -11.72
C CYS B 10 10.71 7.35 -10.61
N PRO B 11 11.99 7.90 -10.44
CA PRO B 11 12.69 7.43 -9.27
C PRO B 11 11.89 7.65 -8.02
N LYS B 12 11.08 8.67 -8.01
CA LYS B 12 10.37 9.06 -6.84
C LYS B 12 9.47 7.95 -6.40
N PHE B 13 9.09 7.10 -7.32
CA PHE B 13 8.20 6.00 -7.02
C PHE B 13 8.79 5.02 -6.02
N LEU B 14 10.09 4.84 -6.07
CA LEU B 14 10.72 3.82 -5.29
C LEU B 14 10.40 4.07 -3.85
N HIS B 15 10.39 5.32 -3.45
CA HIS B 15 9.93 5.66 -2.13
C HIS B 15 8.46 5.40 -1.97
N THR B 16 7.70 5.64 -3.01
CA THR B 16 6.27 5.49 -2.90
C THR B 16 5.87 4.07 -2.64
N ASN B 17 6.49 3.12 -3.29
CA ASN B 17 6.06 1.74 -3.17
C ASN B 17 6.20 1.30 -1.74
N SER B 18 7.13 1.93 -1.05
CA SER B 18 7.44 1.65 0.33
C SER B 18 6.35 1.96 1.32
N THR B 19 5.50 2.91 1.01
CA THR B 19 4.68 3.54 2.00
C THR B 19 3.67 2.62 2.65
N SER B 20 3.41 1.48 2.07
CA SER B 20 2.53 0.49 2.66
C SER B 20 3.04 -0.09 3.96
N HIS B 21 4.35 -0.15 4.12
CA HIS B 21 4.95 -0.80 5.27
C HIS B 21 5.10 0.15 6.40
N THR B 22 4.21 0.04 7.36
CA THR B 22 4.26 0.89 8.52
C THR B 22 5.00 0.28 9.69
N TRP B 23 5.26 -1.01 9.61
CA TRP B 23 5.99 -1.73 10.61
C TRP B 23 7.15 -2.30 9.85
N PRO B 24 8.43 -2.03 10.34
CA PRO B 24 9.51 -2.45 9.45
C PRO B 24 9.59 -3.92 9.16
N PHE B 25 9.16 -4.77 10.07
CA PHE B 25 9.33 -6.18 9.89
C PHE B 25 8.59 -6.69 8.70
N SER B 26 7.57 -5.98 8.30
CA SER B 26 6.79 -6.37 7.14
C SER B 26 7.65 -6.34 5.92
N ALA B 27 8.50 -5.35 5.84
CA ALA B 27 9.41 -5.23 4.74
C ALA B 27 10.41 -6.36 4.71
N VAL B 28 10.91 -6.70 5.88
CA VAL B 28 11.87 -7.75 6.04
C VAL B 28 11.23 -9.04 5.64
N ALA B 29 10.01 -9.21 6.06
CA ALA B 29 9.34 -10.45 5.86
C ALA B 29 9.24 -10.72 4.42
N GLU B 30 9.07 -9.68 3.64
CA GLU B 30 8.98 -9.83 2.22
C GLU B 30 10.22 -10.39 1.64
N LEU B 31 11.36 -9.95 2.12
CA LEU B 31 12.61 -10.46 1.65
C LEU B 31 12.76 -11.91 1.98
N ILE B 32 12.35 -12.28 3.17
CA ILE B 32 12.45 -13.66 3.58
C ILE B 32 11.59 -14.47 2.67
N ASP B 33 10.43 -13.93 2.37
CA ASP B 33 9.46 -14.67 1.62
C ASP B 33 10.05 -15.01 0.31
N ASN B 34 10.81 -14.09 -0.25
CA ASN B 34 11.35 -14.29 -1.57
C ASN B 34 12.26 -15.48 -1.57
N ALA B 35 13.04 -15.63 -0.52
CA ALA B 35 13.93 -16.78 -0.33
C ALA B 35 13.26 -18.12 -0.09
N TYR B 36 12.22 -18.10 0.69
CA TYR B 36 11.47 -19.29 1.04
C TYR B 36 10.86 -19.90 -0.18
N ASP B 37 10.40 -19.07 -1.10
CA ASP B 37 9.52 -19.49 -2.16
C ASP B 37 10.18 -20.50 -3.05
N PRO B 38 9.28 -21.43 -3.61
CA PRO B 38 9.95 -22.58 -4.24
C PRO B 38 10.87 -22.30 -5.38
N ASP B 39 10.76 -21.19 -6.08
CA ASP B 39 11.69 -20.95 -7.16
C ASP B 39 13.10 -20.82 -6.65
N VAL B 40 13.29 -20.08 -5.57
CA VAL B 40 14.59 -19.99 -4.91
C VAL B 40 15.03 -21.26 -4.14
N ASN B 41 14.10 -21.79 -3.38
CA ASN B 41 14.27 -23.03 -2.65
C ASN B 41 15.37 -23.09 -1.63
N ALA B 42 15.68 -21.98 -1.00
CA ALA B 42 16.77 -21.95 -0.06
C ALA B 42 16.42 -22.64 1.21
N LYS B 43 17.34 -23.45 1.68
CA LYS B 43 17.36 -24.04 3.01
C LYS B 43 17.61 -23.10 4.17
N GLN B 44 18.48 -22.14 3.95
CA GLN B 44 18.79 -21.21 5.02
C GLN B 44 18.92 -19.84 4.46
N ILE B 45 18.48 -18.85 5.23
CA ILE B 45 18.73 -17.47 4.90
C ILE B 45 19.32 -16.77 6.09
N TRP B 46 20.40 -16.03 5.88
CA TRP B 46 21.07 -15.38 6.98
C TRP B 46 20.87 -13.89 6.95
N ILE B 47 20.30 -13.35 8.00
CA ILE B 47 19.99 -11.94 8.04
C ILE B 47 20.94 -11.32 8.99
N ASP B 48 21.65 -10.31 8.55
CA ASP B 48 22.77 -9.82 9.30
C ASP B 48 22.83 -8.33 9.31
N LYS B 49 23.48 -7.78 10.32
CA LYS B 49 23.78 -6.36 10.38
C LYS B 49 25.28 -6.24 10.33
N THR B 50 25.80 -5.37 9.49
CA THR B 50 27.23 -5.26 9.32
C THR B 50 27.58 -3.86 8.93
N VAL B 51 28.84 -3.62 8.64
CA VAL B 51 29.26 -2.31 8.21
C VAL B 51 30.07 -2.46 6.95
N ILE B 52 29.79 -1.62 5.97
CA ILE B 52 30.63 -1.57 4.81
C ILE B 52 30.90 -0.15 4.46
N SER B 53 32.15 0.16 4.18
CA SER B 53 32.53 1.45 3.67
C SER B 53 31.99 2.53 4.55
N ASP B 54 31.98 2.27 5.84
CA ASP B 54 31.51 3.23 6.80
C ASP B 54 30.02 3.38 6.80
N HIS B 55 29.32 2.42 6.22
CA HIS B 55 27.87 2.44 6.23
C HIS B 55 27.31 1.22 6.90
N ILE B 56 26.41 1.41 7.83
CA ILE B 56 25.67 0.31 8.40
C ILE B 56 24.80 -0.32 7.35
N CYS B 57 24.75 -1.63 7.32
CA CYS B 57 24.05 -2.34 6.29
C CYS B 57 23.21 -3.43 6.86
N LEU B 58 22.23 -3.87 6.10
CA LEU B 58 21.42 -5.01 6.44
C LEU B 58 21.71 -5.95 5.34
N THR B 59 21.94 -7.22 5.65
CA THR B 59 22.21 -8.16 4.59
C THR B 59 21.28 -9.31 4.68
N PHE B 60 20.85 -9.82 3.54
CA PHE B 60 20.08 -11.02 3.50
C PHE B 60 20.79 -11.90 2.54
N THR B 61 21.18 -13.09 2.95
CA THR B 61 21.95 -13.99 2.12
C THR B 61 21.34 -15.34 2.18
N ASP B 62 21.23 -16.02 1.06
CA ASP B 62 20.56 -17.30 1.04
C ASP B 62 21.24 -18.25 0.13
N ASN B 63 21.02 -19.53 0.35
CA ASN B 63 21.73 -20.54 -0.38
C ASN B 63 20.81 -21.19 -1.35
N GLY B 64 19.87 -20.40 -1.83
CA GLY B 64 18.91 -20.85 -2.81
C GLY B 64 19.46 -20.81 -4.20
N ASN B 65 18.59 -21.01 -5.18
CA ASN B 65 18.95 -21.15 -6.57
C ASN B 65 19.60 -19.99 -7.32
N GLY B 66 19.31 -18.76 -6.95
CA GLY B 66 19.94 -17.64 -7.62
C GLY B 66 19.22 -17.27 -8.88
N MET B 67 19.75 -16.33 -9.65
CA MET B 67 19.04 -15.85 -10.81
C MET B 67 19.89 -15.65 -12.03
N THR B 68 19.27 -15.81 -13.19
CA THR B 68 19.92 -15.49 -14.41
C THR B 68 19.96 -14.01 -14.45
N ALA B 69 20.83 -13.45 -15.27
CA ALA B 69 20.98 -12.02 -15.29
C ALA B 69 19.65 -11.42 -15.67
N ASP B 70 18.97 -12.10 -16.58
CA ASP B 70 17.65 -11.70 -16.99
C ASP B 70 16.63 -11.75 -15.87
N LYS B 71 16.69 -12.79 -15.08
CA LYS B 71 15.74 -12.95 -14.02
C LYS B 71 15.91 -11.83 -13.04
N LEU B 72 17.13 -11.39 -12.88
CA LEU B 72 17.41 -10.33 -11.95
C LEU B 72 16.70 -9.09 -12.38
N HIS B 73 16.64 -8.85 -13.68
CA HIS B 73 16.03 -7.63 -14.18
C HIS B 73 14.59 -7.55 -13.82
N LYS B 74 13.89 -8.65 -13.93
CA LYS B 74 12.52 -8.70 -13.52
C LYS B 74 12.47 -8.42 -12.05
N MET B 75 13.42 -8.95 -11.32
CA MET B 75 13.39 -8.80 -9.90
C MET B 75 13.51 -7.35 -9.57
N LEU B 76 14.23 -6.65 -10.40
CA LEU B 76 14.46 -5.26 -10.21
C LEU B 76 13.47 -4.45 -11.01
N SER B 77 12.44 -5.11 -11.50
CA SER B 77 11.40 -4.45 -12.26
C SER B 77 10.10 -4.69 -11.55
N PHE B 78 9.11 -3.85 -11.76
CA PHE B 78 7.83 -4.01 -11.09
C PHE B 78 6.83 -4.87 -11.80
N GLY B 79 6.19 -5.73 -11.05
CA GLY B 79 5.10 -6.53 -11.52
C GLY B 79 5.36 -7.91 -12.04
N PHE B 80 6.61 -8.30 -12.19
CA PHE B 80 6.91 -9.59 -12.75
C PHE B 80 7.01 -10.68 -11.71
N SER B 81 6.11 -11.65 -11.75
CA SER B 81 6.19 -12.78 -10.89
C SER B 81 5.76 -14.01 -11.66
N ASP B 82 6.51 -15.08 -11.60
CA ASP B 82 6.14 -16.30 -12.30
C ASP B 82 6.17 -17.57 -11.49
N LYS B 83 6.06 -17.46 -10.18
CA LYS B 83 6.23 -18.59 -9.28
C LYS B 83 5.07 -19.59 -9.30
N VAL B 84 5.36 -20.88 -9.26
CA VAL B 84 4.32 -21.91 -9.25
C VAL B 84 4.56 -22.92 -8.17
N THR B 85 3.50 -23.53 -7.66
CA THR B 85 3.66 -24.48 -6.60
C THR B 85 4.48 -25.61 -7.10
N MET B 86 5.39 -26.08 -6.28
CA MET B 86 6.13 -27.28 -6.62
C MET B 86 6.07 -28.31 -5.52
N ASN B 87 5.52 -29.46 -5.82
CA ASN B 87 5.47 -30.54 -4.88
C ASN B 87 4.92 -30.11 -3.56
N GLY B 88 3.86 -29.34 -3.62
CA GLY B 88 3.17 -28.96 -2.41
C GLY B 88 3.83 -27.79 -1.75
N HIS B 89 4.89 -27.29 -2.37
CA HIS B 89 5.52 -26.12 -1.83
C HIS B 89 4.92 -24.93 -2.52
N VAL B 90 3.99 -24.26 -1.87
CA VAL B 90 3.28 -23.20 -2.51
C VAL B 90 3.96 -21.87 -2.33
N PRO B 91 4.16 -21.16 -3.52
CA PRO B 91 4.84 -19.87 -3.31
C PRO B 91 3.98 -18.85 -2.65
N VAL B 92 4.53 -18.06 -1.76
CA VAL B 92 3.85 -16.92 -1.20
C VAL B 92 3.62 -15.78 -2.17
N GLY B 93 4.59 -15.55 -3.03
CA GLY B 93 4.59 -14.33 -3.81
C GLY B 93 3.87 -14.38 -5.12
N LEU B 94 2.92 -13.48 -5.31
CA LEU B 94 2.30 -13.33 -6.61
C LEU B 94 2.28 -11.94 -7.16
N TYR B 95 2.31 -10.96 -6.28
CA TYR B 95 2.22 -9.56 -6.65
C TYR B 95 3.33 -9.00 -7.50
N GLY B 96 4.54 -9.47 -7.32
CA GLY B 96 5.65 -8.97 -8.08
C GLY B 96 6.27 -7.72 -7.53
N ASN B 97 5.86 -7.30 -6.35
CA ASN B 97 6.35 -6.06 -5.79
C ASN B 97 7.20 -6.13 -4.54
N GLY B 98 7.26 -7.28 -3.90
CA GLY B 98 7.81 -7.33 -2.57
C GLY B 98 9.24 -6.92 -2.33
N PHE B 99 10.17 -7.28 -3.22
CA PHE B 99 11.52 -6.87 -3.03
C PHE B 99 11.55 -5.39 -3.08
N LYS B 100 10.86 -4.82 -4.05
CA LYS B 100 10.94 -3.40 -4.25
C LYS B 100 10.33 -2.62 -3.13
N SER B 101 9.17 -3.02 -2.67
CA SER B 101 8.56 -2.33 -1.57
C SER B 101 9.38 -2.51 -0.34
N GLY B 102 9.82 -3.74 -0.12
CA GLY B 102 10.57 -4.00 1.07
C GLY B 102 11.91 -3.34 1.21
N SER B 103 12.76 -3.40 0.19
CA SER B 103 14.10 -2.91 0.34
C SER B 103 14.03 -1.48 0.62
N MET B 104 13.19 -0.85 -0.13
CA MET B 104 13.09 0.58 -0.10
C MET B 104 12.54 1.09 1.19
N ARG B 105 11.72 0.30 1.84
CA ARG B 105 11.29 0.64 3.16
C ARG B 105 12.45 0.63 4.11
N LEU B 106 13.28 -0.37 3.97
CA LEU B 106 14.45 -0.52 4.79
C LEU B 106 15.51 0.51 4.60
N GLY B 107 15.85 0.81 3.36
CA GLY B 107 16.89 1.77 3.07
C GLY B 107 16.76 2.42 1.72
N LYS B 108 17.47 3.52 1.49
CA LYS B 108 17.48 4.15 0.19
C LYS B 108 18.10 3.35 -0.91
N ASP B 109 19.16 2.62 -0.63
CA ASP B 109 19.90 1.94 -1.69
C ASP B 109 20.05 0.47 -1.43
N ALA B 110 20.02 -0.33 -2.49
CA ALA B 110 20.12 -1.77 -2.32
C ALA B 110 20.95 -2.38 -3.39
N MET B 111 21.56 -3.51 -3.11
CA MET B 111 22.40 -4.17 -4.08
C MET B 111 22.12 -5.62 -4.06
N VAL B 112 22.16 -6.28 -5.21
CA VAL B 112 21.90 -7.70 -5.25
C VAL B 112 23.01 -8.43 -5.97
N PHE B 113 23.49 -9.49 -5.34
CA PHE B 113 24.45 -10.35 -5.94
C PHE B 113 23.82 -11.69 -6.01
N THR B 114 23.93 -12.36 -7.14
CA THR B 114 23.36 -13.69 -7.24
C THR B 114 24.24 -14.60 -8.06
N LYS B 115 24.19 -15.89 -7.75
CA LYS B 115 24.84 -16.92 -8.54
C LYS B 115 23.86 -18.02 -8.80
N ASN B 116 23.69 -18.43 -10.05
CA ASN B 116 22.85 -19.57 -10.34
C ASN B 116 23.68 -20.79 -10.66
N GLY B 117 24.98 -20.64 -10.53
CA GLY B 117 25.92 -21.69 -10.81
C GLY B 117 26.36 -21.76 -12.25
N GLU B 118 25.82 -20.89 -13.09
CA GLU B 118 26.32 -20.79 -14.43
C GLU B 118 26.88 -19.41 -14.65
N THR B 119 26.33 -18.43 -13.97
CA THR B 119 26.76 -17.06 -14.13
C THR B 119 26.60 -16.37 -12.80
N MET B 120 27.25 -15.24 -12.63
CA MET B 120 27.01 -14.44 -11.46
C MET B 120 26.68 -13.03 -11.85
N SER B 121 25.69 -12.43 -11.23
CA SER B 121 25.26 -11.10 -11.60
C SER B 121 25.06 -10.20 -10.42
N VAL B 122 25.15 -8.91 -10.67
CA VAL B 122 24.96 -7.90 -9.65
C VAL B 122 24.01 -6.83 -10.12
N GLY B 123 23.09 -6.40 -9.28
CA GLY B 123 22.13 -5.39 -9.63
C GLY B 123 22.08 -4.25 -8.65
N PHE B 124 21.75 -3.05 -9.12
CA PHE B 124 21.73 -1.87 -8.29
C PHE B 124 20.35 -1.27 -8.29
N LEU B 125 19.82 -0.97 -7.11
CA LEU B 125 18.58 -0.27 -7.02
C LEU B 125 18.71 0.84 -6.02
N SER B 126 19.28 1.95 -6.40
CA SER B 126 19.50 3.03 -5.46
C SER B 126 18.74 4.31 -5.76
N GLN B 127 18.06 4.82 -4.77
CA GLN B 127 17.53 6.16 -4.84
C GLN B 127 18.63 7.18 -4.88
N THR B 128 19.66 6.95 -4.10
CA THR B 128 20.72 7.91 -3.98
C THR B 128 21.37 8.06 -5.33
N TYR B 129 21.55 6.96 -6.01
CA TYR B 129 22.14 6.97 -7.31
C TYR B 129 21.29 7.74 -8.25
N LEU B 130 20.00 7.45 -8.20
CA LEU B 130 19.07 8.02 -9.13
C LEU B 130 18.96 9.50 -8.94
N GLU B 131 18.95 9.97 -7.71
CA GLU B 131 18.90 11.40 -7.49
C GLU B 131 20.12 12.02 -8.07
N VAL B 132 21.25 11.40 -7.82
CA VAL B 132 22.51 12.03 -8.15
C VAL B 132 22.76 12.26 -9.61
N ILE B 133 22.42 11.30 -10.44
CA ILE B 133 22.53 11.51 -11.86
C ILE B 133 21.27 12.12 -12.41
N LYS B 134 20.33 12.42 -11.53
CA LYS B 134 19.12 13.10 -11.92
C LYS B 134 18.42 12.36 -13.02
N ALA B 135 18.30 11.06 -12.87
CA ALA B 135 17.60 10.27 -13.84
C ALA B 135 16.13 10.63 -13.85
N GLU B 136 15.52 10.58 -15.02
CA GLU B 136 14.11 10.77 -15.14
C GLU B 136 13.39 9.45 -15.14
N HIS B 137 14.15 8.37 -15.23
CA HIS B 137 13.57 7.06 -15.21
C HIS B 137 14.33 6.19 -14.25
N VAL B 138 13.69 5.14 -13.77
CA VAL B 138 14.36 4.20 -12.94
C VAL B 138 15.14 3.32 -13.86
N VAL B 139 16.43 3.30 -13.67
CA VAL B 139 17.28 2.39 -14.41
C VAL B 139 17.93 1.54 -13.38
N VAL B 140 18.00 0.24 -13.61
CA VAL B 140 18.68 -0.61 -12.68
C VAL B 140 19.90 -1.24 -13.31
N PRO B 141 21.12 -0.70 -12.86
CA PRO B 141 22.30 -1.33 -13.48
C PRO B 141 22.56 -2.77 -13.10
N ILE B 142 23.05 -3.53 -14.06
CA ILE B 142 23.32 -4.93 -13.84
C ILE B 142 24.62 -5.28 -14.49
N VAL B 143 25.38 -6.17 -13.86
CA VAL B 143 26.67 -6.59 -14.36
C VAL B 143 26.70 -8.10 -14.33
N THR B 144 27.31 -8.71 -15.31
CA THR B 144 27.30 -10.16 -15.37
C THR B 144 28.59 -10.87 -15.78
N PHE B 145 28.80 -12.06 -15.22
CA PHE B 145 30.03 -12.82 -15.38
C PHE B 145 29.84 -14.28 -15.74
N ASN B 146 30.87 -14.89 -16.30
CA ASN B 146 30.78 -16.19 -16.94
C ASN B 146 31.12 -17.43 -16.15
N LYS B 147 31.29 -17.29 -14.85
CA LYS B 147 31.72 -18.42 -13.99
C LYS B 147 33.20 -18.55 -13.97
N HIS B 148 33.86 -17.61 -14.60
CA HIS B 148 35.25 -17.35 -14.43
C HIS B 148 34.94 -15.92 -14.18
N ARG B 149 35.83 -15.16 -13.58
CA ARG B 149 35.47 -13.81 -13.24
C ARG B 149 35.64 -13.05 -14.52
N GLN B 150 34.87 -13.47 -15.51
CA GLN B 150 34.87 -12.80 -16.79
C GLN B 150 33.51 -12.20 -17.13
N MET B 151 33.58 -10.95 -17.58
CA MET B 151 32.45 -10.07 -17.89
C MET B 151 31.80 -10.44 -19.21
N ILE B 152 30.51 -10.22 -19.31
CA ILE B 152 29.80 -10.63 -20.50
C ILE B 152 28.59 -9.76 -20.64
N ASN B 153 27.86 -9.86 -21.75
CA ASN B 153 26.73 -8.98 -21.95
C ASN B 153 27.27 -7.58 -21.89
N LEU B 154 28.36 -7.41 -22.59
CA LEU B 154 29.37 -6.42 -22.35
C LEU B 154 28.88 -5.00 -22.43
N THR B 155 27.99 -4.72 -23.36
CA THR B 155 27.59 -3.35 -23.54
C THR B 155 26.95 -2.86 -22.27
N GLU B 156 26.03 -3.66 -21.74
CA GLU B 156 25.32 -3.31 -20.52
C GLU B 156 26.18 -3.31 -19.28
N SER B 157 27.02 -4.32 -19.18
CA SER B 157 27.86 -4.48 -18.03
C SER B 157 28.82 -3.34 -17.95
N LYS B 158 29.36 -2.94 -19.09
CA LYS B 158 30.39 -1.94 -19.06
C LYS B 158 29.82 -0.68 -18.47
N ALA B 159 28.65 -0.28 -18.91
CA ALA B 159 28.04 0.92 -18.37
C ALA B 159 27.65 0.74 -16.95
N SER B 160 27.07 -0.41 -16.67
CA SER B 160 26.56 -0.67 -15.37
C SER B 160 27.67 -0.68 -14.37
N LEU B 161 28.76 -1.32 -14.74
CA LEU B 161 29.85 -1.46 -13.81
C LEU B 161 30.41 -0.12 -13.44
N ALA B 162 30.55 0.73 -14.42
CA ALA B 162 31.11 2.04 -14.16
C ALA B 162 30.20 2.74 -13.22
N ALA B 163 28.91 2.56 -13.43
CA ALA B 163 27.94 3.20 -12.61
C ALA B 163 28.00 2.69 -11.20
N ILE B 164 28.14 1.39 -11.08
CA ILE B 164 28.21 0.80 -9.77
C ILE B 164 29.43 1.28 -9.07
N LEU B 165 30.56 1.24 -9.76
CA LEU B 165 31.79 1.49 -9.09
C LEU B 165 31.76 2.89 -8.56
N GLU B 166 31.27 3.82 -9.36
CA GLU B 166 31.24 5.19 -8.94
C GLU B 166 30.31 5.56 -7.82
N HIS B 167 29.10 5.02 -7.84
CA HIS B 167 28.09 5.49 -6.91
C HIS B 167 27.73 4.49 -5.84
N SER B 168 28.25 3.30 -5.97
CA SER B 168 27.96 2.23 -5.05
C SER B 168 28.82 2.31 -3.85
N LEU B 169 28.48 1.47 -2.90
CA LEU B 169 29.29 1.21 -1.74
C LEU B 169 30.63 0.62 -2.14
N PHE B 170 30.61 -0.20 -3.16
CA PHE B 170 31.77 -0.97 -3.54
C PHE B 170 32.47 -0.27 -4.67
N SER B 171 33.63 0.28 -4.39
CA SER B 171 34.32 1.16 -5.31
C SER B 171 35.19 0.47 -6.31
N THR B 172 35.36 -0.82 -6.19
CA THR B 172 36.30 -1.52 -7.03
C THR B 172 35.77 -2.88 -7.29
N GLU B 173 36.22 -3.52 -8.36
CA GLU B 173 35.68 -4.81 -8.71
C GLU B 173 35.95 -5.72 -7.56
N GLN B 174 37.10 -5.52 -6.94
CA GLN B 174 37.52 -6.40 -5.90
C GLN B 174 36.49 -6.35 -4.80
N LYS B 175 36.04 -5.15 -4.50
CA LYS B 175 35.06 -5.02 -3.45
C LYS B 175 33.80 -5.76 -3.83
N LEU B 176 33.44 -5.73 -5.10
CA LEU B 176 32.24 -6.40 -5.53
C LEU B 176 32.34 -7.87 -5.35
N LEU B 177 33.46 -8.41 -5.76
CA LEU B 177 33.66 -9.85 -5.80
C LEU B 177 33.66 -10.45 -4.43
N ALA B 178 34.05 -9.67 -3.45
CA ALA B 178 34.06 -10.16 -2.10
C ALA B 178 32.68 -10.55 -1.72
N GLU B 179 31.72 -9.68 -1.99
CA GLU B 179 30.34 -9.92 -1.63
C GLU B 179 29.79 -11.06 -2.41
N LEU B 180 30.20 -11.15 -3.65
CA LEU B 180 29.82 -12.27 -4.45
C LEU B 180 30.38 -13.49 -3.78
N ASN B 181 31.59 -13.37 -3.30
CA ASN B 181 32.28 -14.48 -2.68
C ASN B 181 31.69 -14.96 -1.39
N ALA B 182 30.98 -14.09 -0.70
CA ALA B 182 30.37 -14.41 0.57
C ALA B 182 29.22 -15.36 0.43
N ILE B 183 28.79 -15.60 -0.79
CA ILE B 183 27.83 -16.64 -1.03
C ILE B 183 28.65 -17.88 -1.21
N MET B 184 28.68 -18.70 -0.19
CA MET B 184 29.60 -19.83 -0.15
C MET B 184 29.35 -20.92 -1.17
N GLY B 185 28.10 -21.18 -1.42
CA GLY B 185 27.69 -22.24 -2.30
C GLY B 185 27.94 -21.86 -3.73
N LYS B 186 27.73 -22.79 -4.63
CA LYS B 186 27.72 -22.51 -6.05
C LYS B 186 26.59 -21.57 -6.41
N LYS B 187 25.49 -21.67 -5.67
CA LYS B 187 24.28 -20.92 -5.95
C LYS B 187 23.82 -20.14 -4.75
N GLY B 188 23.22 -18.99 -4.97
CA GLY B 188 22.66 -18.23 -3.88
C GLY B 188 22.65 -16.75 -4.16
N THR B 189 22.15 -15.97 -3.21
CA THR B 189 22.02 -14.54 -3.40
C THR B 189 22.29 -13.76 -2.15
N ARG B 190 22.94 -12.62 -2.27
CA ARG B 190 23.18 -11.78 -1.12
C ARG B 190 22.63 -10.44 -1.42
N ILE B 191 21.81 -9.91 -0.53
CA ILE B 191 21.23 -8.61 -0.76
C ILE B 191 21.74 -7.69 0.29
N ILE B 192 22.34 -6.60 -0.13
CA ILE B 192 22.87 -5.65 0.79
C ILE B 192 22.09 -4.37 0.72
N ILE B 193 21.69 -3.87 1.87
CA ILE B 193 20.93 -2.66 1.90
C ILE B 193 21.58 -1.66 2.79
N TRP B 194 21.75 -0.45 2.31
CA TRP B 194 22.42 0.55 3.06
C TRP B 194 21.68 1.86 3.04
N ASN B 195 22.14 2.81 3.81
CA ASN B 195 21.43 4.06 3.94
C ASN B 195 20.07 3.86 4.54
N LEU B 196 20.05 3.11 5.61
CA LEU B 196 18.85 2.72 6.27
C LEU B 196 18.18 3.92 6.87
N ARG B 197 16.90 3.77 7.15
CA ARG B 197 16.08 4.81 7.72
C ARG B 197 16.60 5.18 9.08
N SER B 198 16.58 6.45 9.40
CA SER B 198 17.05 6.88 10.69
C SER B 198 16.21 7.95 11.29
N TYR B 199 16.15 8.00 12.61
CA TYR B 199 15.55 9.13 13.28
C TYR B 199 16.52 9.72 14.29
N LYS B 200 16.72 11.02 14.19
CA LYS B 200 17.61 11.69 15.09
C LYS B 200 18.99 11.06 15.05
N ASN B 201 19.44 10.71 13.86
CA ASN B 201 20.80 10.23 13.68
C ASN B 201 21.04 8.84 14.16
N ALA B 202 19.99 8.09 14.42
CA ALA B 202 20.15 6.71 14.82
C ALA B 202 19.24 5.88 13.96
N THR B 203 19.69 4.69 13.59
CA THR B 203 18.89 3.87 12.71
C THR B 203 17.65 3.56 13.45
N GLU B 204 16.58 3.34 12.74
CA GLU B 204 15.33 3.04 13.39
C GLU B 204 15.42 1.76 14.15
N PHE B 205 16.21 0.83 13.65
CA PHE B 205 16.44 -0.43 14.32
C PHE B 205 17.40 -0.29 15.47
N ASP B 206 17.24 -1.10 16.50
CA ASP B 206 18.18 -1.13 17.60
C ASP B 206 19.01 -2.38 17.53
N PHE B 207 20.29 -2.23 17.28
CA PHE B 207 21.14 -3.38 17.20
C PHE B 207 21.83 -3.69 18.52
N GLU B 208 22.02 -2.65 19.33
CA GLU B 208 22.68 -2.78 20.62
C GLU B 208 22.04 -3.58 21.74
N LYS B 209 20.74 -3.43 21.93
CA LYS B 209 20.13 -3.94 23.13
C LYS B 209 20.33 -5.42 23.16
N ASP B 210 20.24 -6.06 22.02
CA ASP B 210 20.57 -7.47 21.94
C ASP B 210 21.35 -7.62 20.65
N LYS B 211 22.43 -8.38 20.69
CA LYS B 211 23.27 -8.53 19.53
C LYS B 211 22.90 -9.73 18.75
N TYR B 212 21.95 -10.49 19.25
CA TYR B 212 21.52 -11.66 18.54
C TYR B 212 20.16 -11.47 17.95
N ASP B 213 19.72 -10.22 17.95
CA ASP B 213 18.42 -9.82 17.42
C ASP B 213 18.49 -8.49 16.71
N ILE B 214 17.50 -8.24 15.88
CA ILE B 214 17.27 -6.94 15.32
C ILE B 214 15.99 -6.52 15.96
N ARG B 215 15.99 -5.34 16.55
CA ARG B 215 14.94 -4.97 17.45
C ARG B 215 14.43 -3.61 17.14
N ILE B 216 13.20 -3.34 17.52
CA ILE B 216 12.67 -2.01 17.38
C ILE B 216 12.74 -1.40 18.75
N PRO B 217 13.45 -0.19 18.84
CA PRO B 217 13.55 0.35 20.20
C PRO B 217 12.27 0.87 20.77
N GLU B 218 12.09 0.76 22.08
CA GLU B 218 11.00 1.44 22.76
C GLU B 218 11.30 2.91 22.76
N ASP B 219 10.27 3.73 22.77
CA ASP B 219 10.43 5.16 22.70
C ASP B 219 10.89 5.72 24.04
N TYR B 229 7.59 -1.36 22.64
CA TYR B 229 7.03 -0.93 21.38
C TYR B 229 5.81 -1.73 21.03
N LYS B 230 4.72 -1.05 20.76
CA LYS B 230 3.47 -1.70 20.46
C LYS B 230 3.13 -1.44 19.02
N LYS B 231 2.73 -2.46 18.30
CA LYS B 231 2.30 -2.28 16.94
C LYS B 231 1.01 -1.53 17.04
N GLN B 232 0.63 -0.85 15.99
CA GLN B 232 -0.43 0.11 16.05
C GLN B 232 -1.74 -0.49 16.48
N GLU B 233 -2.03 -1.67 15.98
CA GLU B 233 -3.32 -2.28 16.22
C GLU B 233 -3.61 -2.57 17.66
N ARG B 234 -2.63 -3.04 18.40
CA ARG B 234 -2.87 -3.42 19.79
C ARG B 234 -3.55 -2.31 20.54
N GLN B 237 -2.70 -4.70 25.36
CA GLN B 237 -1.96 -3.47 25.17
C GLN B 237 -0.60 -3.57 25.84
N ILE B 238 -0.13 -4.79 25.94
CA ILE B 238 1.22 -5.06 26.36
C ILE B 238 1.76 -5.88 25.21
N ALA B 239 2.96 -5.56 24.77
CA ALA B 239 3.43 -6.02 23.49
C ALA B 239 3.93 -7.43 23.45
N PRO B 240 3.37 -8.22 22.44
CA PRO B 240 4.03 -9.51 22.27
C PRO B 240 5.38 -9.30 21.67
N GLU B 241 6.22 -10.30 21.74
CA GLU B 241 7.58 -10.19 21.30
C GLU B 241 7.68 -9.91 19.83
N SER B 242 6.78 -10.48 19.05
CA SER B 242 6.89 -10.44 17.61
C SER B 242 6.92 -9.04 17.12
N ASP B 243 6.25 -8.16 17.82
CA ASP B 243 6.23 -6.78 17.44
C ASP B 243 7.59 -6.14 17.48
N TYR B 244 8.39 -6.42 18.49
CA TYR B 244 9.69 -5.76 18.59
C TYR B 244 10.95 -6.59 18.39
N SER B 245 10.84 -7.91 18.36
CA SER B 245 12.00 -8.73 18.13
C SER B 245 11.88 -9.48 16.85
N LEU B 246 12.84 -9.32 15.97
CA LEU B 246 12.78 -9.99 14.70
C LEU B 246 12.80 -11.46 14.92
N ARG B 247 13.62 -11.92 15.85
CA ARG B 247 13.76 -13.33 16.07
C ARG B 247 12.46 -13.88 16.54
N ALA B 248 11.80 -13.17 17.42
CA ALA B 248 10.60 -13.68 18.00
C ALA B 248 9.60 -13.84 16.91
N TYR B 249 9.59 -12.88 16.01
CA TYR B 249 8.67 -12.88 14.89
C TYR B 249 8.91 -14.03 13.95
N CYS B 250 10.15 -14.26 13.63
CA CYS B 250 10.50 -15.25 12.64
C CYS B 250 10.11 -16.62 13.08
N SER B 251 9.98 -16.80 14.37
CA SER B 251 9.64 -18.07 14.92
C SER B 251 8.28 -18.46 14.41
N ILE B 252 7.40 -17.50 14.36
CA ILE B 252 6.04 -17.79 14.01
C ILE B 252 5.71 -17.46 12.57
N LEU B 253 6.70 -17.08 11.82
CA LEU B 253 6.48 -16.64 10.47
C LEU B 253 5.87 -17.69 9.60
N TYR B 254 6.26 -18.93 9.76
CA TYR B 254 5.73 -19.95 8.91
C TYR B 254 5.10 -21.06 9.69
N LEU B 255 3.96 -21.54 9.24
CA LEU B 255 3.27 -22.58 9.93
C LEU B 255 4.06 -23.86 9.95
N LYS B 256 4.62 -24.19 8.81
CA LYS B 256 5.35 -25.43 8.64
C LYS B 256 6.68 -25.15 8.01
N PRO B 257 7.68 -24.76 8.89
CA PRO B 257 8.86 -24.20 8.24
C PRO B 257 9.54 -25.13 7.27
N ARG B 258 10.05 -24.60 6.19
CA ARG B 258 10.93 -25.34 5.31
C ARG B 258 12.27 -24.69 5.17
N MET B 259 12.51 -23.62 5.89
CA MET B 259 13.72 -22.87 5.68
C MET B 259 14.30 -22.53 7.02
N GLN B 260 15.61 -22.28 7.06
CA GLN B 260 16.24 -21.97 8.31
C GLN B 260 16.56 -20.52 8.33
N ILE B 261 16.04 -19.83 9.33
CA ILE B 261 16.28 -18.42 9.41
C ILE B 261 17.30 -18.21 10.48
N ILE B 262 18.40 -17.59 10.11
CA ILE B 262 19.44 -17.33 11.04
C ILE B 262 19.60 -15.85 11.14
N ILE B 263 19.44 -15.31 12.33
CA ILE B 263 19.54 -13.88 12.51
C ILE B 263 20.74 -13.57 13.35
N ARG B 264 21.59 -12.70 12.86
CA ARG B 264 22.69 -12.21 13.64
C ARG B 264 23.61 -13.34 13.96
N GLY B 265 23.60 -14.35 13.12
CA GLY B 265 24.50 -15.48 13.26
C GLY B 265 23.97 -16.58 14.10
N GLN B 266 22.85 -16.34 14.75
CA GLN B 266 22.29 -17.33 15.62
C GLN B 266 20.98 -17.80 15.10
N LYS B 267 20.75 -19.09 15.17
CA LYS B 267 19.65 -19.75 14.55
C LYS B 267 18.40 -19.29 15.17
N VAL B 268 17.30 -19.57 14.49
CA VAL B 268 16.00 -19.21 14.97
C VAL B 268 15.25 -20.48 15.18
N LYS B 269 14.65 -20.61 16.33
CA LYS B 269 14.05 -21.85 16.73
C LYS B 269 12.56 -21.74 16.58
N THR B 270 12.03 -22.48 15.63
CA THR B 270 10.62 -22.38 15.36
C THR B 270 9.87 -22.91 16.52
N GLN B 271 8.81 -22.22 16.89
CA GLN B 271 7.90 -22.68 17.92
C GLN B 271 7.06 -23.83 17.44
N LEU B 272 6.69 -24.74 18.32
CA LEU B 272 5.75 -25.77 17.95
C LEU B 272 4.52 -25.66 18.80
N VAL B 273 3.37 -25.92 18.21
CA VAL B 273 2.13 -25.68 18.90
C VAL B 273 2.03 -26.56 20.11
N SER B 274 2.42 -27.82 19.92
CA SER B 274 2.19 -28.81 20.94
C SER B 274 2.94 -28.38 22.16
N LYS B 275 4.16 -27.93 21.95
CA LYS B 275 4.87 -27.29 23.01
C LYS B 275 4.11 -26.03 23.33
N SER B 276 3.64 -25.40 22.27
CA SER B 276 3.01 -24.09 22.40
C SER B 276 1.71 -24.02 23.16
N LEU B 277 0.85 -24.99 22.96
CA LEU B 277 -0.52 -24.86 23.45
C LEU B 277 -1.02 -26.03 24.26
N ALA B 278 -2.00 -25.76 25.12
CA ALA B 278 -2.52 -26.76 26.01
C ALA B 278 -4.00 -26.89 25.83
N TYR B 279 -4.54 -28.09 26.01
CA TYR B 279 -5.96 -28.27 25.80
C TYR B 279 -6.37 -28.16 24.35
N ILE B 280 -5.49 -28.57 23.47
CA ILE B 280 -5.69 -28.38 22.06
C ILE B 280 -6.93 -29.07 21.57
N GLU B 281 -7.69 -28.35 20.75
CA GLU B 281 -8.84 -28.91 20.08
C GLU B 281 -8.85 -28.41 18.66
N ARG B 282 -9.46 -29.17 17.76
CA ARG B 282 -9.49 -28.82 16.36
C ARG B 282 -10.90 -28.59 15.88
N ASP B 283 -11.11 -27.51 15.15
CA ASP B 283 -12.43 -27.16 14.67
C ASP B 283 -12.41 -26.88 13.19
N VAL B 284 -13.57 -26.90 12.55
CA VAL B 284 -13.65 -26.82 11.12
C VAL B 284 -14.46 -25.65 10.62
N TYR B 285 -14.03 -25.07 9.50
CA TYR B 285 -14.76 -23.99 8.86
C TYR B 285 -15.28 -24.41 7.52
N ARG B 286 -16.59 -24.33 7.35
CA ARG B 286 -17.22 -24.75 6.13
C ARG B 286 -18.17 -23.72 5.60
N PRO B 287 -17.54 -22.63 4.98
CA PRO B 287 -18.48 -21.64 4.48
C PRO B 287 -19.10 -22.15 3.21
N LYS B 288 -20.22 -21.57 2.84
CA LYS B 288 -20.90 -21.94 1.63
C LYS B 288 -20.04 -21.67 0.43
N PHE B 289 -19.30 -20.58 0.47
CA PHE B 289 -18.60 -20.10 -0.69
C PHE B 289 -17.40 -20.92 -1.06
N LEU B 290 -17.06 -21.88 -0.22
CA LEU B 290 -15.88 -22.67 -0.44
C LEU B 290 -16.19 -24.12 -0.63
N THR B 291 -15.39 -24.76 -1.47
CA THR B 291 -15.58 -26.15 -1.81
C THR B 291 -14.82 -27.08 -0.94
N ARG B 292 -13.99 -26.56 -0.06
CA ARG B 292 -13.09 -27.38 0.69
C ARG B 292 -13.30 -27.00 2.12
N THR B 293 -13.05 -27.92 3.04
CA THR B 293 -13.08 -27.61 4.45
C THR B 293 -11.83 -26.90 4.89
N VAL B 294 -11.93 -26.07 5.91
CA VAL B 294 -10.75 -25.46 6.47
C VAL B 294 -10.61 -25.83 7.92
N ARG B 295 -9.46 -26.37 8.28
CA ARG B 295 -9.21 -26.77 9.64
C ARG B 295 -8.86 -25.61 10.51
N ILE B 296 -9.21 -25.69 11.78
CA ILE B 296 -8.75 -24.73 12.75
C ILE B 296 -8.23 -25.41 13.99
N THR B 297 -7.29 -24.78 14.67
CA THR B 297 -6.83 -25.24 15.96
C THR B 297 -6.98 -24.16 17.02
N PHE B 298 -7.60 -24.52 18.13
CA PHE B 298 -7.70 -23.72 19.34
C PHE B 298 -6.85 -24.28 20.50
N GLY B 299 -6.15 -23.40 21.21
CA GLY B 299 -5.43 -23.83 22.39
C GLY B 299 -5.42 -22.73 23.44
N PHE B 300 -5.00 -23.09 24.64
CA PHE B 300 -4.73 -22.12 25.68
C PHE B 300 -3.27 -21.87 25.74
N ASN B 301 -2.93 -20.63 25.94
CA ASN B 301 -1.57 -20.23 25.83
C ASN B 301 -0.91 -20.16 27.23
N CYS B 302 -0.01 -21.09 27.51
CA CYS B 302 0.51 -21.13 28.86
C CYS B 302 1.78 -20.28 29.09
N ARG B 303 2.71 -20.15 28.10
CA ARG B 303 4.04 -19.51 28.35
C ARG B 303 3.81 -18.03 28.59
N ASN B 304 3.13 -17.51 27.59
CA ASN B 304 2.78 -16.12 27.62
C ASN B 304 1.82 -15.60 28.80
N LYS B 305 0.57 -16.18 28.99
CA LYS B 305 -0.54 -15.71 29.87
C LYS B 305 -1.45 -14.53 29.26
N ASP B 306 -0.88 -13.72 28.33
CA ASP B 306 -1.57 -12.54 27.62
C ASP B 306 -1.23 -12.14 26.11
N HIS B 307 -0.56 -13.06 25.42
CA HIS B 307 -0.53 -13.16 23.95
C HIS B 307 -1.62 -14.15 23.50
N TYR B 308 -2.72 -13.66 22.97
CA TYR B 308 -3.73 -14.56 22.51
C TYR B 308 -4.54 -13.96 21.39
N GLY B 309 -5.26 -14.81 20.68
CA GLY B 309 -6.11 -14.36 19.61
C GLY B 309 -5.89 -15.30 18.48
N ILE B 310 -6.43 -14.99 17.33
CA ILE B 310 -6.25 -15.83 16.18
C ILE B 310 -4.95 -15.60 15.48
N MET B 311 -4.39 -16.65 14.91
CA MET B 311 -3.25 -16.52 14.06
C MET B 311 -3.68 -16.95 12.71
N MET B 312 -3.51 -16.06 11.75
CA MET B 312 -4.01 -16.29 10.42
C MET B 312 -2.87 -16.48 9.49
N TYR B 313 -2.89 -17.56 8.74
CA TYR B 313 -1.78 -17.87 7.88
C TYR B 313 -2.27 -17.92 6.48
N HIS B 314 -1.46 -17.50 5.55
CA HIS B 314 -1.85 -17.57 4.17
C HIS B 314 -0.72 -18.24 3.44
N LYS B 315 -0.99 -19.35 2.77
CA LYS B 315 0.05 -20.02 2.02
C LYS B 315 1.19 -20.30 2.96
N ASN B 316 0.86 -20.67 4.18
CA ASN B 316 1.84 -21.03 5.15
C ASN B 316 2.65 -19.88 5.65
N ARG B 317 2.16 -18.66 5.51
CA ARG B 317 2.86 -17.50 6.02
C ARG B 317 1.93 -16.76 6.92
N LEU B 318 2.49 -16.01 7.84
CA LEU B 318 1.68 -15.36 8.83
C LEU B 318 1.34 -13.98 8.37
N ILE B 319 0.05 -13.71 8.30
CA ILE B 319 -0.40 -12.44 7.83
C ILE B 319 -0.70 -11.59 9.01
N LYS B 320 -1.46 -12.13 9.93
CA LYS B 320 -1.75 -11.39 11.15
C LYS B 320 -1.81 -12.30 12.33
N ALA B 321 -1.57 -11.76 13.49
CA ALA B 321 -1.49 -12.56 14.67
C ALA B 321 -2.22 -11.91 15.80
N TYR B 322 -2.64 -12.70 16.75
CA TYR B 322 -3.21 -12.16 17.95
C TYR B 322 -4.45 -11.39 17.64
N GLU B 323 -5.15 -11.79 16.60
CA GLU B 323 -6.34 -11.06 16.23
C GLU B 323 -7.41 -11.52 17.17
N LYS B 324 -7.99 -10.57 17.88
CA LYS B 324 -9.06 -10.83 18.82
C LYS B 324 -10.35 -11.12 18.13
N VAL B 325 -11.17 -11.98 18.71
CA VAL B 325 -12.42 -12.31 18.09
C VAL B 325 -13.44 -12.80 19.08
N GLY B 326 -14.67 -12.87 18.64
CA GLY B 326 -15.74 -13.37 19.47
C GLY B 326 -15.83 -12.56 20.74
N CYS B 327 -15.93 -13.24 21.86
CA CYS B 327 -16.11 -12.57 23.12
C CYS B 327 -14.94 -11.69 23.45
N GLN B 328 -13.76 -12.09 23.01
CA GLN B 328 -12.56 -11.41 23.43
C GLN B 328 -12.71 -9.98 23.02
N LEU B 329 -13.31 -9.78 21.88
CA LEU B 329 -13.58 -8.44 21.46
C LEU B 329 -14.54 -7.76 22.40
N LYS B 330 -15.56 -8.49 22.82
CA LYS B 330 -16.71 -7.89 23.51
C LYS B 330 -16.34 -7.25 24.82
N ALA B 331 -15.54 -7.96 25.60
CA ALA B 331 -15.02 -7.41 26.83
C ALA B 331 -13.62 -7.94 27.01
N ASN B 332 -12.79 -7.17 27.68
CA ASN B 332 -11.43 -7.63 27.93
C ASN B 332 -11.48 -8.87 28.78
N ASN B 333 -12.47 -8.93 29.66
CA ASN B 333 -12.57 -9.95 30.68
C ASN B 333 -12.67 -11.36 30.14
N MET B 334 -13.47 -11.56 29.11
CA MET B 334 -13.69 -12.89 28.57
C MET B 334 -12.61 -13.37 27.61
N GLY B 335 -12.48 -14.68 27.45
CA GLY B 335 -11.73 -15.26 26.38
C GLY B 335 -10.22 -15.36 26.48
N VAL B 336 -9.68 -14.98 27.61
CA VAL B 336 -8.24 -14.80 27.70
C VAL B 336 -7.41 -16.03 27.50
N GLY B 337 -6.30 -15.86 26.81
CA GLY B 337 -5.32 -16.90 26.66
C GLY B 337 -5.65 -17.86 25.56
N VAL B 338 -6.76 -17.63 24.90
CA VAL B 338 -7.18 -18.50 23.82
C VAL B 338 -6.51 -18.12 22.51
N VAL B 339 -5.92 -19.09 21.86
CA VAL B 339 -5.18 -18.85 20.66
C VAL B 339 -5.72 -19.71 19.57
N GLY B 340 -5.90 -19.14 18.39
CA GLY B 340 -6.45 -19.88 17.28
C GLY B 340 -5.54 -19.82 16.09
N ILE B 341 -5.40 -20.93 15.40
CA ILE B 341 -4.61 -20.98 14.20
C ILE B 341 -5.48 -21.45 13.05
N ILE B 342 -5.43 -20.72 11.95
CA ILE B 342 -6.15 -21.10 10.74
C ILE B 342 -5.36 -20.71 9.54
N GLU B 343 -5.55 -21.36 8.41
CA GLU B 343 -4.93 -20.90 7.18
C GLU B 343 -5.99 -20.56 6.18
N CYS B 344 -5.97 -19.33 5.68
CA CYS B 344 -6.92 -18.94 4.67
C CYS B 344 -6.31 -18.61 3.34
N ASN B 345 -6.19 -19.61 2.49
CA ASN B 345 -5.76 -19.41 1.16
C ASN B 345 -6.74 -18.67 0.33
N PHE B 346 -7.99 -18.77 0.70
CA PHE B 346 -9.04 -18.08 -0.01
C PHE B 346 -8.97 -16.58 0.07
N LEU B 347 -8.53 -16.05 1.19
CA LEU B 347 -8.43 -14.62 1.37
C LEU B 347 -7.26 -14.04 0.61
N LYS B 348 -7.26 -12.73 0.44
CA LYS B 348 -6.29 -12.06 -0.39
C LYS B 348 -5.46 -11.11 0.41
N PRO B 349 -4.07 -11.31 0.31
CA PRO B 349 -3.28 -10.39 1.13
C PRO B 349 -3.22 -9.00 0.59
N THR B 350 -3.08 -8.04 1.48
CA THR B 350 -2.98 -6.68 1.07
C THR B 350 -1.57 -6.33 0.70
N HIS B 351 -1.33 -5.06 0.47
CA HIS B 351 -0.09 -4.61 -0.13
C HIS B 351 1.12 -4.98 0.69
N ASN B 352 1.06 -4.83 2.00
CA ASN B 352 2.18 -5.15 2.83
C ASN B 352 2.13 -6.57 3.32
N LYS B 353 1.02 -7.22 3.07
CA LYS B 353 0.87 -8.59 3.46
C LYS B 353 0.73 -8.71 4.94
N GLN B 354 0.33 -7.64 5.58
CA GLN B 354 0.05 -7.66 6.99
C GLN B 354 -1.41 -7.66 7.30
N ASP B 355 -2.22 -7.93 6.29
CA ASP B 355 -3.65 -7.99 6.46
C ASP B 355 -4.28 -8.54 5.22
N PHE B 356 -5.60 -8.63 5.21
CA PHE B 356 -6.34 -9.15 4.08
C PHE B 356 -7.29 -8.09 3.53
N ASP B 357 -7.69 -8.21 2.28
CA ASP B 357 -8.66 -7.29 1.71
C ASP B 357 -9.91 -7.49 2.47
N TYR B 358 -10.57 -6.40 2.84
CA TYR B 358 -11.70 -6.46 3.74
C TYR B 358 -12.98 -6.76 3.00
N THR B 359 -13.03 -7.95 2.44
CA THR B 359 -14.13 -8.41 1.67
C THR B 359 -15.20 -8.99 2.53
N ASN B 360 -16.30 -9.37 1.93
CA ASN B 360 -17.38 -10.01 2.64
C ASN B 360 -16.93 -11.31 3.19
N GLU B 361 -16.14 -12.01 2.40
CA GLU B 361 -15.61 -13.29 2.80
C GLU B 361 -14.70 -13.20 4.01
N TYR B 362 -13.89 -12.15 4.07
CA TYR B 362 -13.08 -11.97 5.24
C TYR B 362 -13.93 -11.71 6.45
N ARG B 363 -14.95 -10.89 6.28
CA ARG B 363 -15.80 -10.54 7.39
C ARG B 363 -16.49 -11.77 7.88
N LEU B 364 -16.92 -12.59 6.95
CA LEU B 364 -17.58 -13.80 7.29
C LEU B 364 -16.66 -14.72 8.04
N THR B 365 -15.42 -14.79 7.61
CA THR B 365 -14.46 -15.65 8.25
C THR B 365 -14.22 -15.19 9.66
N ILE B 366 -14.11 -13.90 9.86
CA ILE B 366 -13.89 -13.38 11.16
C ILE B 366 -15.07 -13.71 12.01
N LEU B 367 -16.25 -13.62 11.45
CA LEU B 367 -17.44 -13.80 12.22
C LEU B 367 -17.46 -15.20 12.77
N ALA B 368 -17.08 -16.13 11.94
CA ALA B 368 -17.06 -17.52 12.33
C ALA B 368 -16.05 -17.81 13.41
N LEU B 369 -14.88 -17.24 13.30
CA LEU B 369 -13.82 -17.60 14.19
C LEU B 369 -14.25 -17.27 15.58
N GLY B 370 -14.90 -16.14 15.74
CA GLY B 370 -15.35 -15.73 17.05
C GLY B 370 -16.37 -16.70 17.59
N GLU B 371 -17.28 -17.14 16.76
CA GLU B 371 -18.32 -18.01 17.24
C GLU B 371 -17.68 -19.28 17.69
N LYS B 372 -16.77 -19.77 16.88
CA LYS B 372 -16.11 -21.01 17.18
C LYS B 372 -15.24 -20.89 18.39
N LEU B 373 -14.51 -19.80 18.47
CA LEU B 373 -13.64 -19.61 19.60
C LEU B 373 -14.49 -19.49 20.84
N ASN B 374 -15.61 -18.80 20.72
CA ASN B 374 -16.50 -18.65 21.83
C ASN B 374 -17.01 -20.01 22.25
N ASP B 375 -17.24 -20.87 21.28
CA ASP B 375 -17.70 -22.19 21.59
C ASP B 375 -16.66 -22.85 22.41
N TYR B 376 -15.42 -22.67 22.00
CA TYR B 376 -14.34 -23.36 22.64
C TYR B 376 -14.21 -22.95 24.07
N TRP B 377 -14.21 -21.65 24.29
CA TRP B 377 -13.94 -21.11 25.58
C TRP B 377 -14.96 -21.63 26.53
N ASN B 378 -16.19 -21.69 26.08
CA ASN B 378 -17.25 -22.08 26.96
C ASN B 378 -17.05 -23.48 27.45
N GLU B 379 -16.68 -24.40 26.58
CA GLU B 379 -16.45 -25.77 27.03
C GLU B 379 -15.28 -25.95 27.98
N MET B 380 -14.14 -25.36 27.68
CA MET B 380 -12.92 -25.66 28.43
C MET B 380 -12.58 -24.75 29.55
N LYS B 381 -13.42 -23.77 29.78
CA LYS B 381 -13.20 -22.86 30.89
C LYS B 381 -13.22 -23.72 32.13
N VAL B 382 -14.08 -24.72 32.11
CA VAL B 382 -14.32 -25.56 33.25
C VAL B 382 -13.07 -26.29 33.67
N LYS B 383 -12.29 -26.75 32.71
CA LYS B 383 -11.17 -27.63 33.01
C LYS B 383 -10.09 -27.05 33.89
N LYS B 384 -9.75 -25.78 33.69
CA LYS B 384 -8.75 -25.16 34.54
C LYS B 384 -9.41 -24.35 35.66
N LYS B 399 18.88 -19.59 26.79
CA LYS B 399 19.07 -20.97 26.37
C LYS B 399 19.68 -21.02 24.99
N ARG B 400 20.58 -20.10 24.71
CA ARG B 400 21.15 -19.95 23.38
C ARG B 400 22.07 -21.06 22.97
N PRO B 401 22.05 -21.38 21.61
CA PRO B 401 23.03 -22.41 21.24
C PRO B 401 24.43 -21.86 21.24
N ASP B 402 25.42 -22.74 21.28
CA ASP B 402 26.78 -22.29 21.34
C ASP B 402 27.17 -21.65 20.04
N GLN B 403 28.03 -20.68 20.14
CA GLN B 403 28.54 -20.01 18.98
C GLN B 403 29.50 -20.96 18.36
N THR B 404 30.00 -20.65 17.18
CA THR B 404 31.01 -21.48 16.58
C THR B 404 32.08 -20.58 16.02
N TRP B 405 33.30 -21.06 15.98
CA TRP B 405 34.39 -20.25 15.49
C TRP B 405 35.23 -21.04 14.56
N VAL B 406 36.01 -20.34 13.75
CA VAL B 406 36.92 -20.99 12.85
C VAL B 406 38.27 -20.32 13.09
N GLN B 407 39.35 -21.03 12.80
CA GLN B 407 40.68 -20.49 13.04
C GLN B 407 41.40 -20.24 11.74
N CYS B 408 41.78 -18.98 11.50
CA CYS B 408 42.46 -18.62 10.29
C CYS B 408 43.77 -19.39 10.15
N ASP B 409 43.98 -20.07 9.02
CA ASP B 409 45.17 -20.91 8.90
C ASP B 409 46.43 -20.10 8.61
N ALA B 410 46.25 -18.83 8.29
CA ALA B 410 47.39 -17.97 8.06
C ALA B 410 47.83 -17.30 9.36
N CYS B 411 46.87 -16.74 10.10
CA CYS B 411 47.19 -15.88 11.24
C CYS B 411 46.82 -16.47 12.59
N LEU B 412 46.10 -17.57 12.54
CA LEU B 412 45.78 -18.31 13.73
C LEU B 412 44.71 -17.65 14.56
N LYS B 413 44.13 -16.57 14.08
CA LYS B 413 43.09 -15.86 14.80
C LYS B 413 41.79 -16.63 14.78
N TRP B 414 40.93 -16.36 15.74
CA TRP B 414 39.66 -17.04 15.81
C TRP B 414 38.54 -16.14 15.32
N ARG B 415 37.78 -16.62 14.35
CA ARG B 415 36.72 -15.81 13.80
C ARG B 415 35.36 -16.42 14.02
N LYS B 416 34.42 -15.63 14.48
CA LYS B 416 33.08 -16.09 14.80
C LYS B 416 32.38 -16.50 13.53
N LEU B 417 31.54 -17.52 13.62
CA LEU B 417 30.91 -18.07 12.46
C LEU B 417 29.44 -18.18 12.75
N PRO B 418 28.62 -18.27 11.72
CA PRO B 418 27.18 -18.29 11.90
C PRO B 418 26.63 -19.68 11.72
N ASP B 419 25.54 -19.95 12.39
CA ASP B 419 24.99 -21.29 12.43
C ASP B 419 24.45 -21.64 11.09
N GLY B 420 24.20 -22.90 10.87
CA GLY B 420 23.58 -23.32 9.64
C GLY B 420 24.48 -23.64 8.50
N ILE B 421 25.79 -23.65 8.72
CA ILE B 421 26.70 -23.99 7.66
C ILE B 421 27.01 -25.46 7.69
N ASP B 422 26.61 -26.16 6.66
CA ASP B 422 26.74 -27.60 6.65
C ASP B 422 28.17 -28.07 6.67
N GLN B 423 29.00 -27.49 5.82
CA GLN B 423 30.40 -27.88 5.81
C GLN B 423 31.33 -26.84 5.29
N LEU B 424 32.41 -26.64 6.01
CA LEU B 424 33.48 -25.73 5.65
C LEU B 424 34.45 -26.36 4.70
N PRO B 425 35.35 -25.44 4.14
CA PRO B 425 36.39 -26.06 3.33
C PRO B 425 37.48 -26.55 4.24
N GLU B 426 38.40 -27.36 3.74
CA GLU B 426 39.45 -27.87 4.59
C GLU B 426 40.33 -26.77 5.16
N LYS B 427 40.65 -25.78 4.35
CA LYS B 427 41.48 -24.68 4.83
C LYS B 427 40.79 -23.33 4.74
N TRP B 428 40.81 -22.57 5.84
CA TRP B 428 40.02 -21.35 5.96
C TRP B 428 40.84 -20.14 6.35
N TYR B 429 40.61 -19.00 5.71
CA TYR B 429 41.45 -17.85 5.95
C TYR B 429 40.66 -16.60 6.19
N CYS B 430 41.27 -15.66 6.90
CA CYS B 430 40.55 -14.46 7.25
C CYS B 430 40.02 -13.79 5.98
N SER B 431 40.75 -13.91 4.90
CA SER B 431 40.43 -13.24 3.67
C SER B 431 39.16 -13.75 3.02
N ASN B 432 38.80 -14.98 3.32
CA ASN B 432 37.63 -15.56 2.69
C ASN B 432 36.44 -15.51 3.62
N ASN B 433 36.49 -14.59 4.57
CA ASN B 433 35.41 -14.44 5.52
C ASN B 433 34.19 -13.81 4.86
N PRO B 434 33.01 -14.54 5.00
CA PRO B 434 31.83 -13.85 4.50
C PRO B 434 31.54 -12.57 5.25
N ASP B 435 31.78 -12.56 6.55
CA ASP B 435 31.55 -11.36 7.31
C ASP B 435 32.44 -10.28 6.79
N PRO B 436 31.79 -9.07 6.50
CA PRO B 436 32.67 -8.02 6.00
C PRO B 436 33.65 -7.49 6.99
N GLN B 437 33.24 -7.42 8.23
CA GLN B 437 34.01 -6.73 9.25
C GLN B 437 35.31 -7.43 9.64
N PHE B 438 35.42 -8.72 9.38
CA PHE B 438 36.58 -9.49 9.75
C PHE B 438 37.11 -10.26 8.56
N ARG B 439 37.60 -9.52 7.58
CA ARG B 439 38.02 -10.13 6.33
C ARG B 439 39.50 -10.14 6.02
N ASN B 440 40.30 -9.55 6.88
CA ASN B 440 41.74 -9.69 6.80
C ASN B 440 42.26 -9.89 8.19
N CYS B 441 43.43 -10.48 8.35
CA CYS B 441 43.86 -10.89 9.68
C CYS B 441 44.54 -9.83 10.46
N GLU B 442 44.69 -8.67 9.85
CA GLU B 442 45.18 -7.54 10.57
C GLU B 442 44.19 -7.27 11.67
N VAL B 443 42.93 -7.48 11.38
CA VAL B 443 41.89 -7.11 12.31
C VAL B 443 41.95 -7.88 13.60
N PRO B 444 41.82 -7.09 14.74
CA PRO B 444 41.93 -7.84 16.00
C PRO B 444 40.88 -8.88 16.22
N GLU B 445 41.25 -9.96 16.89
CA GLU B 445 40.33 -11.03 17.16
C GLU B 445 39.24 -10.62 18.11
N GLU B 446 38.08 -11.18 17.91
CA GLU B 446 36.91 -10.85 18.68
C GLU B 446 36.87 -11.51 20.02
N PRO B 447 36.38 -10.70 21.06
CA PRO B 447 36.25 -11.40 22.35
C PRO B 447 35.11 -12.38 22.36
N GLU B 448 35.19 -13.47 23.10
CA GLU B 448 34.04 -14.31 23.33
C GLU B 448 33.23 -13.71 24.43
N ASP B 449 32.01 -14.17 24.60
CA ASP B 449 31.15 -13.64 25.63
C ASP B 449 31.60 -14.08 27.01
N ALA C 1 -31.29 28.33 -21.49
CA ALA C 1 -32.43 27.71 -22.11
C ALA C 1 -33.53 27.53 -21.10
N ARG C 2 -34.44 26.63 -21.36
CA ARG C 2 -35.57 26.48 -20.50
C ARG C 2 -35.25 25.51 -19.38
N THR C 3 -35.33 25.99 -18.16
CA THR C 3 -34.95 25.22 -17.01
C THR C 3 -36.08 25.21 -16.03
N LYS C 4 -36.43 24.04 -15.55
CA LYS C 4 -37.50 23.95 -14.59
C LYS C 4 -36.92 23.29 -13.37
N GLN C 5 -37.51 23.52 -12.21
CA GLN C 5 -36.98 22.98 -10.99
C GLN C 5 -37.97 22.05 -10.36
N THR C 6 -37.53 20.90 -9.91
CA THR C 6 -38.42 19.98 -9.22
C THR C 6 -37.78 19.50 -7.94
N ALA C 7 -38.62 19.09 -7.00
CA ALA C 7 -38.16 18.58 -5.72
C ALA C 7 -37.57 17.19 -5.80
N ARG C 8 -36.58 16.94 -4.95
CA ARG C 8 -35.94 15.66 -4.86
C ARG C 8 -36.42 15.13 -3.55
N LYS C 9 -36.96 13.94 -3.52
CA LYS C 9 -37.37 13.38 -2.25
C LYS C 9 -36.76 12.03 -2.01
N SER C 10 -36.10 11.92 -0.87
CA SER C 10 -35.51 10.69 -0.36
C SER C 10 -36.23 9.44 -0.83
N ALA D 1 38.21 -26.81 8.69
CA ALA D 1 39.33 -26.54 9.55
C ALA D 1 38.88 -26.60 10.97
N ARG D 2 39.67 -26.00 11.85
CA ARG D 2 39.39 -26.14 13.25
C ARG D 2 38.15 -25.38 13.56
N THR D 3 37.43 -25.82 14.57
CA THR D 3 36.21 -25.17 14.92
C THR D 3 36.00 -25.24 16.40
N LYS D 4 36.03 -24.09 17.03
CA LYS D 4 35.83 -23.99 18.44
C LYS D 4 34.34 -24.03 18.70
N GLN D 5 33.93 -23.67 19.89
CA GLN D 5 32.53 -23.45 20.19
C GLN D 5 32.54 -22.59 21.42
N THR D 6 31.38 -22.08 21.82
CA THR D 6 31.36 -21.16 22.93
C THR D 6 29.97 -20.87 23.41
N ALA D 7 29.87 -20.27 24.57
CA ALA D 7 28.58 -19.91 25.07
C ALA D 7 28.20 -18.59 24.47
N ARG D 8 26.92 -18.41 24.23
CA ARG D 8 26.37 -17.13 23.84
C ARG D 8 25.57 -16.84 25.06
N LYS D 9 25.71 -15.65 25.62
CA LYS D 9 25.00 -15.35 26.85
C LYS D 9 24.12 -14.15 26.72
N SER D 10 22.87 -14.28 27.12
CA SER D 10 21.92 -13.19 27.03
C SER D 10 22.50 -11.86 27.47
ZN ZN E . -33.51 16.43 -27.53
PG ANP F . -0.57 11.42 -5.07
O1G ANP F . 0.07 10.26 -5.69
O2G ANP F . -1.97 11.56 -5.54
O3G ANP F . -0.34 11.60 -3.65
PB ANP F . -0.44 12.94 -7.40
O1B ANP F . -1.76 13.53 -7.13
O2B ANP F . 0.48 13.49 -8.38
N3B ANP F . 0.19 12.74 -5.82
PA ANP F . -1.75 11.29 -8.97
O1A ANP F . -3.04 11.77 -8.45
O2A ANP F . -1.71 10.00 -9.65
O3A ANP F . -0.70 11.49 -7.87
O5' ANP F . -1.09 12.22 -10.00
C5' ANP F . -1.54 12.12 -11.33
C4' ANP F . -1.01 13.30 -12.11
O4' ANP F . -1.79 13.40 -13.27
C3' ANP F . -1.19 14.58 -11.33
O3' ANP F . 0.06 15.13 -11.03
C2' ANP F . -1.72 15.53 -12.31
O2' ANP F . -0.56 16.11 -12.85
C1' ANP F . -2.34 14.70 -13.39
N9 ANP F . -3.77 14.62 -13.12
C8 ANP F . -4.41 13.63 -12.52
N7 ANP F . -5.72 13.88 -12.43
C5 ANP F . -5.94 15.05 -12.99
C6 ANP F . -7.10 15.90 -13.23
N6 ANP F . -8.31 15.52 -12.83
N1 ANP F . -6.90 17.06 -13.84
C2 ANP F . -5.69 17.45 -14.22
N3 ANP F . -4.59 16.73 -14.04
C4 ANP F . -4.65 15.55 -13.43
MG MG G . -3.78 13.32 -5.61
ZN ZN H . 43.91 -14.36 9.35
PG ANP I . 5.47 -10.74 -4.31
O1G ANP I . 6.58 -11.10 -3.38
O2G ANP I . 4.11 -11.24 -3.70
O3G ANP I . 5.44 -9.16 -4.41
PB ANP I . 7.38 -11.78 -6.09
O1B ANP I . 7.49 -12.55 -7.37
O2B ANP I . 8.06 -12.50 -4.87
N3B ANP I . 5.73 -11.54 -5.78
PA ANP I . 9.26 -9.94 -5.54
O1A ANP I . 9.05 -10.44 -4.18
O2A ANP I . 9.49 -8.43 -5.51
O3A ANP I . 8.06 -10.41 -6.41
O5' ANP I . 10.40 -10.70 -6.27
C5' ANP I . 10.77 -10.34 -7.61
C4' ANP I . 11.30 -11.57 -8.28
O4' ANP I . 12.74 -11.60 -8.15
C3' ANP I . 10.84 -12.90 -7.68
O3' ANP I . 9.56 -13.23 -8.20
C2' ANP I . 11.98 -13.85 -8.06
O2' ANP I . 11.97 -14.38 -9.37
C1' ANP I . 13.20 -12.91 -7.94
N9 ANP I . 13.86 -12.99 -6.65
C8 ANP I . 13.63 -12.20 -5.56
N7 ANP I . 14.36 -12.49 -4.49
C5 ANP I . 15.10 -13.58 -4.95
C6 ANP I . 16.09 -14.37 -4.29
N6 ANP I . 16.47 -14.19 -3.03
N1 ANP I . 16.65 -15.37 -5.02
C2 ANP I . 16.27 -15.55 -6.29
N3 ANP I . 15.36 -14.88 -6.99
C4 ANP I . 14.81 -13.89 -6.26
MG MG J . 8.10 -11.21 -1.63
#